data_5CPS
#
_entry.id   5CPS
#
_cell.length_a   69.410
_cell.length_b   73.130
_cell.length_c   79.120
_cell.angle_alpha   65.460
_cell.angle_beta   69.480
_cell.angle_gamma   67.090
#
_symmetry.space_group_name_H-M   'P 1'
#
loop_
_entity.id
_entity.type
_entity.pdbx_description
1 polymer '4-alpha-glucanotransferase DPE1, chloroplastic/amyloplastic'
2 branched alpha-D-glucopyranose-(1-4)-alpha-D-glucopyranose-(1-4)-alpha-D-glucopyranose-(1-4)-alpha-D-glucopyranose-(1-4)-alpha-D-glucopyranose-(1-4)-alpha-D-glucopyranose-(1-4)-alpha-D-glucopyranose-(1-4)-alpha-D-glucopyranose-(1-4)-alpha-D-glucopyranose
3 branched alpha-D-glucopyranose-(1-4)-alpha-D-glucopyranose-(1-4)-alpha-D-glucopyranose-(1-4)-alpha-D-glucopyranose-(1-4)-alpha-D-glucopyranose-(1-4)-alpha-D-glucopyranose-(1-4)-alpha-D-glucopyranose-(1-4)-alpha-D-glucopyranose
4 non-polymer 1,2-ETHANEDIOL
5 water water
#
_entity_poly.entity_id   1
_entity_poly.type   'polypeptide(L)'
_entity_poly.pdbx_seq_one_letter_code
;MHHHHHHGKPIPNPLLGLDSTENLYFQGIDPFTMEVVSSNSTCLSSISVGEDFPSEYEQWLPVPDPESRRRAGVLLHPTS
FRGPHGIGDLGEEAFRFIDWLHSTGCSVWQVLPLVPPDEGGSPYAGQDANCGNTLLISLDELVKDGLLIKDELPQPIDAD
SVNYQTANKLKSPLITKAAKRLIDGNGELKSKLLDFRNDPSISCWLEDAAYFAAIDNTLNAYSWFEWPEPLKNRHLSALE
AIYESQKEFIDLFIAKQFLFQRQWQKVREYARRQGVDIMGDMPIYVGYHSADVWANKKHFLLNKKGFPLLVSGVPPDLFS
ETGQLWGSPLYDWKAMESDQYSWWVNRIRRAQDLYDECRIDHFRGFAGFWAVPSEAKVAMVGRWKVGPGKSLFDAISKGV
GKIKIIAEDLGVITKDVVELRKSIGAPGMAVLQFAFGGGADNPHLPHNHEVNQVVYSGTHDNDTIRGWWDTLDQEEKSKA
MKYLSIAGEDDISWSVIQAAFSSTAQTAIIPMQDILGLGSSARMNTPATEVGNWGWRIPSSTSFDNLETESDRLRDLLSL
YGRL
;
_entity_poly.pdbx_strand_id   A,B
#
# COMPACT_ATOMS: atom_id res chain seq x y z
N SER A 48 -27.59 0.82 -20.77
CA SER A 48 -27.93 -0.58 -20.41
C SER A 48 -27.10 -1.62 -21.18
N VAL A 49 -27.10 -2.83 -20.63
CA VAL A 49 -26.17 -3.91 -21.04
C VAL A 49 -26.30 -4.22 -22.53
N GLY A 50 -25.17 -4.29 -23.22
CA GLY A 50 -25.17 -4.62 -24.64
C GLY A 50 -25.33 -3.44 -25.59
N GLU A 51 -25.70 -2.27 -25.08
CA GLU A 51 -25.90 -1.09 -25.91
C GLU A 51 -24.61 -0.30 -26.06
N ASP A 52 -24.62 0.65 -27.00
CA ASP A 52 -23.47 1.49 -27.26
C ASP A 52 -23.25 2.47 -26.11
N PHE A 53 -21.99 2.64 -25.74
CA PHE A 53 -21.57 3.73 -24.87
C PHE A 53 -21.62 5.02 -25.71
N PRO A 54 -21.67 6.20 -25.04
CA PRO A 54 -21.39 7.44 -25.78
C PRO A 54 -19.99 7.40 -26.42
N SER A 55 -19.75 8.24 -27.43
CA SER A 55 -18.44 8.25 -28.13
C SER A 55 -17.30 8.79 -27.26
N GLU A 56 -17.62 9.38 -26.11
CA GLU A 56 -16.58 9.84 -25.17
C GLU A 56 -15.87 8.67 -24.43
N TYR A 57 -16.40 7.46 -24.55
CA TYR A 57 -15.96 6.35 -23.68
C TYR A 57 -14.46 6.29 -23.52
N GLU A 58 -13.73 6.33 -24.62
CA GLU A 58 -12.28 6.05 -24.61
C GLU A 58 -11.43 7.10 -23.83
N GLN A 59 -12.02 8.27 -23.57
CA GLN A 59 -11.36 9.32 -22.79
C GLN A 59 -11.84 9.33 -21.35
N TRP A 60 -12.68 8.38 -20.98
CA TRP A 60 -13.21 8.33 -19.63
C TRP A 60 -12.19 7.63 -18.70
N LEU A 61 -11.05 8.25 -18.55
CA LEU A 61 -9.92 7.67 -17.83
C LEU A 61 -9.96 7.94 -16.32
N PRO A 62 -9.33 7.05 -15.51
CA PRO A 62 -9.22 7.31 -14.08
C PRO A 62 -8.47 8.62 -13.81
N VAL A 63 -8.95 9.36 -12.82
CA VAL A 63 -8.36 10.64 -12.44
C VAL A 63 -7.71 10.45 -11.08
N PRO A 64 -6.44 10.88 -10.93
CA PRO A 64 -5.84 10.84 -9.59
C PRO A 64 -6.63 11.73 -8.63
N ASP A 65 -6.99 11.17 -7.48
CA ASP A 65 -7.55 11.95 -6.38
C ASP A 65 -6.49 12.94 -5.83
N PRO A 66 -6.76 14.25 -5.94
CA PRO A 66 -5.83 15.24 -5.38
C PRO A 66 -5.51 15.02 -3.90
N GLU A 67 -6.43 14.45 -3.15
CA GLU A 67 -6.16 14.15 -1.73
C GLU A 67 -5.15 13.01 -1.54
N SER A 68 -4.84 12.27 -2.60
CA SER A 68 -3.88 11.18 -2.50
C SER A 68 -2.47 11.57 -2.94
N ARG A 69 -2.24 12.85 -3.19
CA ARG A 69 -1.00 13.29 -3.82
C ARG A 69 0.20 12.97 -2.93
N ARG A 70 1.18 12.32 -3.50
CA ARG A 70 2.44 12.00 -2.74
C ARG A 70 3.25 13.24 -2.51
N ARG A 71 3.91 13.32 -1.35
CA ARG A 71 4.64 14.51 -0.99
C ARG A 71 5.78 14.20 -0.02
N ALA A 72 6.61 15.20 0.18
CA ALA A 72 7.71 15.11 1.14
C ALA A 72 7.88 16.39 1.90
N GLY A 73 8.55 16.30 3.04
CA GLY A 73 8.82 17.46 3.80
C GLY A 73 9.97 17.30 4.81
N VAL A 74 10.16 18.34 5.58
CA VAL A 74 11.34 18.47 6.47
C VAL A 74 10.83 18.79 7.88
N LEU A 75 11.41 18.12 8.86
CA LEU A 75 11.20 18.39 10.27
C LEU A 75 12.32 19.36 10.75
N LEU A 76 11.92 20.54 11.20
CA LEU A 76 12.85 21.58 11.64
C LEU A 76 12.09 22.50 12.58
N HIS A 77 12.53 22.53 13.83
CA HIS A 77 11.93 23.46 14.80
C HIS A 77 12.55 24.88 14.61
N PRO A 78 11.75 25.93 14.70
CA PRO A 78 12.26 27.28 14.45
C PRO A 78 13.34 27.76 15.40
N THR A 79 13.44 27.16 16.59
CA THR A 79 14.56 27.53 17.51
C THR A 79 15.92 27.22 16.88
N SER A 80 15.94 26.27 15.94
CA SER A 80 17.16 25.84 15.27
C SER A 80 17.68 26.79 14.20
N PHE A 81 16.87 27.78 13.80
CA PHE A 81 17.39 28.73 12.79
C PHE A 81 18.58 29.54 13.30
N ARG A 82 19.44 29.92 12.35
CA ARG A 82 20.60 30.74 12.64
C ARG A 82 20.20 32.17 13.02
N GLY A 83 21.14 32.90 13.58
CA GLY A 83 20.92 34.31 13.97
C GLY A 83 21.57 34.78 15.25
N PRO A 84 21.54 36.11 15.47
CA PRO A 84 22.39 36.79 16.45
C PRO A 84 21.80 36.81 17.85
N HIS A 85 20.56 36.38 18.05
CA HIS A 85 19.94 36.60 19.38
C HIS A 85 19.77 35.37 20.26
N GLY A 86 20.58 34.35 20.02
CA GLY A 86 20.70 33.23 20.93
C GLY A 86 19.74 32.11 20.66
N ILE A 87 18.84 32.30 19.71
CA ILE A 87 17.79 31.34 19.38
C ILE A 87 17.27 31.69 18.00
N GLY A 88 16.78 30.69 17.27
CA GLY A 88 16.05 30.96 16.03
C GLY A 88 14.74 31.69 16.28
N ASP A 89 14.22 32.39 15.28
CA ASP A 89 13.00 33.12 15.43
C ASP A 89 12.16 33.11 14.13
N LEU A 90 11.01 33.76 14.21
CA LEU A 90 10.03 33.82 13.10
C LEU A 90 10.31 34.96 12.12
N GLY A 91 11.53 35.44 12.06
CA GLY A 91 11.92 36.44 11.11
C GLY A 91 12.51 35.86 9.84
N GLU A 92 13.50 36.55 9.32
CA GLU A 92 14.02 36.30 7.96
C GLU A 92 14.47 34.87 7.73
N GLU A 93 15.06 34.20 8.73
CA GLU A 93 15.48 32.80 8.49
C GLU A 93 14.28 31.89 8.23
N ALA A 94 13.12 32.18 8.80
CA ALA A 94 11.95 31.33 8.55
C ALA A 94 11.52 31.47 7.08
N PHE A 95 11.57 32.69 6.57
CA PHE A 95 11.21 32.91 5.15
C PHE A 95 12.22 32.29 4.23
N ARG A 96 13.51 32.45 4.53
CA ARG A 96 14.58 31.83 3.75
C ARG A 96 14.45 30.33 3.74
N PHE A 97 14.11 29.73 4.88
CA PHE A 97 13.92 28.29 4.95
C PHE A 97 12.76 27.85 4.03
N ILE A 98 11.65 28.57 4.08
CA ILE A 98 10.47 28.26 3.25
C ILE A 98 10.88 28.31 1.77
N ASP A 99 11.63 29.33 1.38
CA ASP A 99 12.08 29.43 0.00
C ASP A 99 12.98 28.25 -0.40
N TRP A 100 13.91 27.88 0.47
CA TRP A 100 14.78 26.73 0.23
C TRP A 100 13.94 25.45 0.14
N LEU A 101 13.03 25.28 1.06
CA LEU A 101 12.18 24.08 1.08
C LEU A 101 11.37 23.98 -0.21
N HIS A 102 10.77 25.09 -0.61
CA HIS A 102 10.04 25.12 -1.87
C HIS A 102 10.93 24.70 -3.03
N SER A 103 12.18 25.18 -3.07
CA SER A 103 13.12 24.88 -4.16
C SER A 103 13.44 23.40 -4.29
N THR A 104 13.37 22.68 -3.17
CA THR A 104 13.60 21.25 -3.16
C THR A 104 12.44 20.41 -3.72
N GLY A 105 11.25 20.97 -3.75
CA GLY A 105 10.05 20.23 -4.18
C GLY A 105 9.22 19.73 -2.99
N CYS A 106 9.78 19.79 -1.80
CA CYS A 106 9.02 19.52 -0.57
C CYS A 106 7.82 20.45 -0.45
N SER A 107 6.74 19.93 0.13
CA SER A 107 5.52 20.70 0.35
C SER A 107 4.98 20.63 1.76
N VAL A 108 5.80 20.14 2.69
CA VAL A 108 5.40 20.10 4.10
C VAL A 108 6.58 20.50 4.99
N TRP A 109 6.29 21.29 6.01
CA TRP A 109 7.24 21.65 7.06
C TRP A 109 6.63 21.22 8.38
N GLN A 110 7.32 20.35 9.08
CA GLN A 110 6.87 19.89 10.39
C GLN A 110 7.72 20.58 11.49
N VAL A 111 7.02 21.06 12.51
CA VAL A 111 7.65 21.68 13.69
C VAL A 111 7.31 20.85 14.92
N LEU A 112 8.02 21.11 16.02
CA LEU A 112 7.62 20.55 17.33
C LEU A 112 6.57 21.48 17.94
N PRO A 113 6.02 21.14 19.12
CA PRO A 113 5.03 22.09 19.69
C PRO A 113 5.61 23.52 19.82
N LEU A 114 4.82 24.52 19.52
CA LEU A 114 5.25 25.90 19.57
C LEU A 114 4.96 26.58 20.92
N VAL A 115 4.57 25.81 21.91
CA VAL A 115 4.22 26.29 23.24
C VAL A 115 5.45 26.87 24.02
N PRO A 116 5.20 27.66 25.05
CA PRO A 116 6.30 28.11 25.93
C PRO A 116 6.92 26.89 26.58
N PRO A 117 8.20 26.65 26.33
CA PRO A 117 8.85 25.45 26.86
C PRO A 117 9.26 25.55 28.32
N ASP A 118 9.76 24.46 28.91
CA ASP A 118 10.27 24.55 30.29
C ASP A 118 11.69 25.16 30.29
N GLU A 119 12.29 25.25 31.48
CA GLU A 119 13.61 25.89 31.60
C GLU A 119 14.70 25.10 30.86
N GLY A 120 14.51 23.79 30.65
CA GLY A 120 15.43 22.98 29.84
C GLY A 120 15.25 23.09 28.32
N GLY A 121 14.25 23.87 27.91
CA GLY A 121 13.93 24.11 26.51
C GLY A 121 12.91 23.14 25.94
N SER A 122 12.33 22.25 26.76
CA SER A 122 11.48 21.20 26.18
C SER A 122 10.14 21.72 25.66
N PRO A 123 9.86 21.52 24.37
CA PRO A 123 8.50 21.77 23.82
C PRO A 123 7.43 20.86 24.35
N TYR A 124 7.82 19.77 25.00
CA TYR A 124 6.89 18.78 25.50
C TYR A 124 6.62 18.92 26.98
N ALA A 125 7.16 19.95 27.63
CA ALA A 125 6.80 20.22 29.02
C ALA A 125 6.33 21.66 29.02
N GLY A 126 5.35 21.93 28.18
CA GLY A 126 4.95 23.31 27.93
C GLY A 126 4.28 23.92 29.16
N GLN A 127 4.44 25.23 29.32
CA GLN A 127 3.84 25.96 30.43
C GLN A 127 2.30 26.20 30.16
N ASP A 128 1.85 25.97 28.93
CA ASP A 128 0.49 26.25 28.45
C ASP A 128 0.31 25.50 27.15
N ALA A 129 -0.89 25.02 26.88
CA ALA A 129 -1.12 24.20 25.71
C ALA A 129 -1.40 25.01 24.45
N ASN A 130 -1.84 26.24 24.62
CA ASN A 130 -2.29 27.09 23.49
C ASN A 130 -1.43 28.30 23.16
N CYS A 131 -0.77 28.90 24.16
CA CYS A 131 0.16 29.99 23.91
C CYS A 131 1.35 29.63 23.02
N GLY A 132 1.94 30.65 22.39
CA GLY A 132 3.18 30.50 21.66
C GLY A 132 4.38 30.89 22.52
N ASN A 133 5.50 30.29 22.21
CA ASN A 133 6.80 30.58 22.80
C ASN A 133 7.22 31.98 22.35
N THR A 134 7.13 32.94 23.28
CA THR A 134 7.42 34.32 22.94
C THR A 134 8.90 34.53 22.57
N LEU A 135 9.79 33.62 22.96
CA LEU A 135 11.19 33.75 22.56
C LEU A 135 11.43 33.49 21.07
N LEU A 136 10.41 32.97 20.37
CA LEU A 136 10.48 32.91 18.90
C LEU A 136 10.18 34.23 18.19
N ILE A 137 9.73 35.23 18.94
CA ILE A 137 9.41 36.52 18.34
C ILE A 137 10.70 37.14 17.82
N SER A 138 10.63 37.60 16.56
CA SER A 138 11.76 38.25 15.90
C SER A 138 11.84 39.73 16.28
N LEU A 139 12.98 40.17 16.82
CA LEU A 139 13.15 41.57 17.16
C LEU A 139 13.21 42.43 15.89
N ASP A 140 13.78 41.90 14.81
CA ASP A 140 13.87 42.66 13.56
C ASP A 140 12.47 42.92 13.01
N GLU A 141 11.58 41.95 13.17
CA GLU A 141 10.20 42.13 12.72
C GLU A 141 9.46 43.18 13.56
N LEU A 142 9.78 43.27 14.85
CA LEU A 142 9.23 44.32 15.68
C LEU A 142 9.70 45.72 15.24
N VAL A 143 10.93 45.81 14.77
CA VAL A 143 11.45 47.06 14.19
C VAL A 143 10.62 47.42 12.96
N LYS A 144 10.31 46.43 12.13
CA LYS A 144 9.51 46.69 10.92
C LYS A 144 8.13 47.22 11.27
N ASP A 145 7.60 46.74 12.39
CA ASP A 145 6.31 47.17 12.89
C ASP A 145 6.36 48.50 13.64
N GLY A 146 7.55 49.10 13.83
CA GLY A 146 7.68 50.36 14.50
C GLY A 146 7.58 50.28 16.02
N LEU A 147 7.72 49.08 16.59
CA LEU A 147 7.65 48.88 18.04
C LEU A 147 9.01 48.89 18.72
N LEU A 148 10.06 48.70 17.94
CA LEU A 148 11.43 48.91 18.37
C LEU A 148 12.13 49.73 17.30
N ILE A 149 13.21 50.41 17.70
CA ILE A 149 14.11 51.05 16.74
C ILE A 149 15.40 50.24 16.63
N LYS A 150 16.06 50.33 15.47
CA LYS A 150 17.22 49.49 15.16
C LYS A 150 18.31 49.65 16.23
N ASP A 151 18.46 50.86 16.73
CA ASP A 151 19.42 51.19 17.80
C ASP A 151 19.22 50.49 19.13
N GLU A 152 18.03 49.97 19.38
CA GLU A 152 17.73 49.29 20.63
C GLU A 152 18.12 47.83 20.58
N LEU A 153 18.36 47.31 19.38
CA LEU A 153 18.68 45.89 19.22
C LEU A 153 20.03 45.57 19.88
N PRO A 154 20.15 44.36 20.43
CA PRO A 154 21.35 44.03 21.18
C PRO A 154 22.53 43.67 20.30
N GLN A 155 23.73 43.73 20.87
CA GLN A 155 24.90 43.23 20.18
C GLN A 155 24.68 41.74 19.97
N PRO A 156 24.97 41.23 18.76
CA PRO A 156 24.89 39.79 18.51
C PRO A 156 25.70 38.94 19.49
N ILE A 157 25.23 37.73 19.74
CA ILE A 157 25.95 36.79 20.58
C ILE A 157 26.24 35.52 19.81
N ASP A 158 27.38 34.92 20.10
CA ASP A 158 27.74 33.61 19.55
C ASP A 158 26.96 32.59 20.37
N ALA A 159 26.13 31.80 19.72
CA ALA A 159 25.39 30.76 20.43
C ALA A 159 25.22 29.57 19.50
N ASP A 160 26.26 28.73 19.43
CA ASP A 160 26.27 27.51 18.59
C ASP A 160 25.07 26.65 18.89
N SER A 161 24.65 26.67 20.15
CA SER A 161 23.44 25.99 20.56
C SER A 161 22.54 26.96 21.33
N VAL A 162 21.25 26.63 21.40
CA VAL A 162 20.31 27.46 22.10
C VAL A 162 20.57 27.31 23.58
N ASN A 163 20.88 28.41 24.25
CA ASN A 163 20.80 28.46 25.72
C ASN A 163 19.61 29.36 26.04
N TYR A 164 18.59 28.78 26.64
CA TYR A 164 17.38 29.53 26.89
C TYR A 164 17.53 30.68 27.84
N GLN A 165 18.38 30.49 28.84
CA GLN A 165 18.59 31.55 29.81
C GLN A 165 19.23 32.74 29.15
N THR A 166 20.20 32.49 28.28
CA THR A 166 20.84 33.54 27.53
C THR A 166 19.88 34.27 26.56
N ALA A 167 19.07 33.50 25.81
CA ALA A 167 18.10 34.09 24.91
C ALA A 167 17.07 34.91 25.66
N ASN A 168 16.59 34.39 26.79
CA ASN A 168 15.60 35.12 27.60
C ASN A 168 16.15 36.45 28.11
N LYS A 169 17.36 36.41 28.66
CA LYS A 169 17.98 37.61 29.19
C LYS A 169 18.20 38.67 28.09
N LEU A 170 18.55 38.22 26.89
CA LEU A 170 18.82 39.13 25.78
C LEU A 170 17.54 39.72 25.17
N LYS A 171 16.53 38.88 24.96
CA LYS A 171 15.38 39.24 24.16
C LYS A 171 14.18 39.76 24.96
N SER A 172 13.94 39.17 26.12
CA SER A 172 12.68 39.44 26.81
C SER A 172 12.45 40.89 27.18
N PRO A 173 13.51 41.61 27.61
CA PRO A 173 13.28 43.04 27.89
C PRO A 173 12.81 43.83 26.67
N LEU A 174 13.35 43.49 25.49
CA LEU A 174 12.97 44.16 24.26
C LEU A 174 11.59 43.77 23.78
N ILE A 175 11.23 42.49 23.94
CA ILE A 175 9.88 42.07 23.61
C ILE A 175 8.87 42.79 24.53
N THR A 176 9.19 42.90 25.81
CA THR A 176 8.36 43.69 26.73
C THR A 176 8.22 45.15 26.33
N LYS A 177 9.32 45.77 25.97
CA LYS A 177 9.31 47.18 25.56
C LYS A 177 8.42 47.37 24.33
N ALA A 178 8.53 46.43 23.37
CA ALA A 178 7.68 46.47 22.16
C ALA A 178 6.21 46.30 22.49
N ALA A 179 5.91 45.34 23.36
CA ALA A 179 4.55 45.11 23.80
C ALA A 179 3.95 46.33 24.51
N LYS A 180 4.77 47.00 25.31
CA LYS A 180 4.33 48.22 26.00
C LYS A 180 4.02 49.33 24.98
N ARG A 181 4.90 49.52 24.00
CA ARG A 181 4.64 50.48 22.96
C ARG A 181 3.38 50.16 22.18
N LEU A 182 3.10 48.88 21.98
CA LEU A 182 1.89 48.47 21.26
C LEU A 182 0.62 48.86 22.03
N ILE A 183 0.59 48.51 23.31
CA ILE A 183 -0.60 48.76 24.11
CA ILE A 183 -0.59 48.77 24.11
C ILE A 183 -0.81 50.27 24.34
N ASP A 184 0.28 51.01 24.46
CA ASP A 184 0.17 52.47 24.67
C ASP A 184 -0.22 53.24 23.41
N GLY A 185 -0.16 52.61 22.24
CA GLY A 185 -0.46 53.33 21.00
C GLY A 185 -1.92 53.28 20.64
N ASN A 186 -2.28 54.00 19.58
CA ASN A 186 -3.57 53.89 18.94
C ASN A 186 -3.16 53.91 17.49
N GLY A 187 -3.80 53.10 16.67
CA GLY A 187 -3.36 52.95 15.28
C GLY A 187 -3.80 51.58 14.86
N GLU A 188 -3.42 51.20 13.65
CA GLU A 188 -3.90 49.97 13.02
C GLU A 188 -3.49 48.74 13.84
N LEU A 189 -2.27 48.75 14.35
CA LEU A 189 -1.71 47.60 15.02
C LEU A 189 -2.46 47.43 16.36
N LYS A 190 -2.68 48.54 17.08
CA LYS A 190 -3.47 48.48 18.31
C LYS A 190 -4.85 47.94 18.00
N SER A 191 -5.43 48.34 16.88
CA SER A 191 -6.75 47.87 16.50
C SER A 191 -6.76 46.36 16.21
N LYS A 192 -5.69 45.85 15.62
CA LYS A 192 -5.58 44.41 15.39
C LYS A 192 -5.41 43.65 16.71
N LEU A 193 -4.69 44.23 17.66
CA LEU A 193 -4.55 43.64 18.99
C LEU A 193 -5.91 43.45 19.65
N LEU A 194 -6.73 44.51 19.59
CA LEU A 194 -8.06 44.47 20.18
C LEU A 194 -8.93 43.41 19.51
N ASP A 195 -8.87 43.31 18.18
CA ASP A 195 -9.62 42.27 17.46
C ASP A 195 -9.21 40.84 17.90
N PHE A 196 -7.91 40.65 18.06
CA PHE A 196 -7.35 39.38 18.52
C PHE A 196 -7.88 39.09 19.93
N ARG A 197 -7.76 40.05 20.84
CA ARG A 197 -8.11 39.87 22.26
C ARG A 197 -9.59 39.59 22.48
N ASN A 198 -10.43 40.30 21.72
CA ASN A 198 -11.88 40.14 21.83
C ASN A 198 -12.48 39.06 20.95
N ASP A 199 -11.66 38.37 20.17
CA ASP A 199 -12.12 37.25 19.34
C ASP A 199 -12.45 36.07 20.28
N PRO A 200 -13.71 35.56 20.24
CA PRO A 200 -14.10 34.51 21.20
C PRO A 200 -13.23 33.25 21.14
N SER A 201 -12.73 32.89 19.96
CA SER A 201 -11.86 31.70 19.83
C SER A 201 -10.40 31.93 20.33
N ILE A 202 -10.05 33.17 20.62
CA ILE A 202 -8.81 33.46 21.28
C ILE A 202 -9.11 33.56 22.76
N SER A 203 -10.10 34.37 23.11
CA SER A 203 -10.38 34.68 24.52
C SER A 203 -10.73 33.45 25.35
N CYS A 204 -11.24 32.40 24.69
CA CYS A 204 -11.60 31.18 25.44
C CYS A 204 -10.41 30.45 26.06
N TRP A 205 -9.20 30.73 25.61
CA TRP A 205 -8.05 30.22 26.34
C TRP A 205 -7.12 31.34 26.82
N LEU A 206 -7.09 32.49 26.12
CA LEU A 206 -6.04 33.48 26.41
C LEU A 206 -6.24 34.18 27.76
N GLU A 207 -7.47 34.49 28.10
CA GLU A 207 -7.70 35.19 29.36
C GLU A 207 -7.25 34.30 30.53
N ASP A 208 -7.63 33.02 30.53
CA ASP A 208 -7.17 32.11 31.61
C ASP A 208 -5.68 31.98 31.63
N ALA A 209 -5.04 31.88 30.44
CA ALA A 209 -3.59 31.79 30.37
C ALA A 209 -2.92 33.01 31.00
N ALA A 210 -3.45 34.18 30.68
CA ALA A 210 -2.86 35.45 31.12
C ALA A 210 -3.04 35.60 32.65
N TYR A 211 -4.21 35.27 33.16
CA TYR A 211 -4.44 35.33 34.64
C TYR A 211 -3.57 34.32 35.36
N PHE A 212 -3.46 33.11 34.81
CA PHE A 212 -2.61 32.09 35.43
C PHE A 212 -1.16 32.57 35.50
N ALA A 213 -0.66 33.11 34.39
CA ALA A 213 0.69 33.61 34.35
C ALA A 213 0.90 34.79 35.33
N ALA A 214 -0.07 35.68 35.41
CA ALA A 214 0.02 36.83 36.36
C ALA A 214 0.11 36.36 37.80
N ILE A 215 -0.70 35.36 38.13
CA ILE A 215 -0.65 34.81 39.50
C ILE A 215 0.67 34.08 39.73
N ASP A 216 1.11 33.28 38.74
CA ASP A 216 2.35 32.51 38.88
C ASP A 216 3.55 33.45 39.01
N ASN A 217 3.46 34.61 38.35
CA ASN A 217 4.51 35.63 38.40
C ASN A 217 4.57 36.27 39.79
N THR A 218 3.39 36.60 40.34
CA THR A 218 3.22 37.34 41.60
C THR A 218 3.50 36.49 42.82
N LEU A 219 3.23 35.19 42.71
CA LEU A 219 3.34 34.26 43.85
C LEU A 219 4.58 33.46 43.79
N ASN A 220 5.25 33.33 44.92
CA ASN A 220 6.37 32.44 45.04
C ASN A 220 5.83 31.09 45.57
N ALA A 221 5.57 30.17 44.66
CA ALA A 221 4.98 28.86 44.99
C ALA A 221 5.41 27.86 43.94
N TYR A 222 5.51 26.59 44.34
CA TYR A 222 5.93 25.50 43.45
C TYR A 222 4.92 25.28 42.32
N SER A 223 3.65 25.16 42.67
CA SER A 223 2.58 24.95 41.70
C SER A 223 1.32 25.55 42.23
N TRP A 224 0.27 25.54 41.42
CA TRP A 224 -1.00 26.13 41.86
C TRP A 224 -1.68 25.35 42.99
N PHE A 225 -1.30 24.09 43.20
CA PHE A 225 -1.79 23.31 44.33
C PHE A 225 -1.42 24.02 45.66
N GLU A 226 -0.32 24.77 45.64
CA GLU A 226 0.15 25.48 46.85
C GLU A 226 -0.40 26.91 46.98
N TRP A 227 -1.15 27.37 45.98
CA TRP A 227 -1.67 28.71 46.03
C TRP A 227 -2.71 28.87 47.15
N PRO A 228 -2.86 30.09 47.67
CA PRO A 228 -3.94 30.34 48.62
C PRO A 228 -5.29 30.04 47.99
N GLU A 229 -6.20 29.51 48.81
CA GLU A 229 -7.44 28.94 48.30
CA GLU A 229 -7.47 28.95 48.30
C GLU A 229 -8.23 29.80 47.26
N PRO A 230 -8.40 31.13 47.52
CA PRO A 230 -9.17 31.92 46.55
C PRO A 230 -8.55 32.01 45.16
N LEU A 231 -7.22 31.95 45.10
CA LEU A 231 -6.49 31.92 43.82
C LEU A 231 -6.40 30.51 43.25
N LYS A 232 -6.06 29.53 44.08
CA LYS A 232 -6.11 28.15 43.70
C LYS A 232 -7.43 27.75 43.04
N ASN A 233 -8.53 28.17 43.65
CA ASN A 233 -9.86 27.80 43.23
C ASN A 233 -10.64 28.86 42.51
N ARG A 234 -9.93 29.87 42.03
CA ARG A 234 -10.48 30.84 41.08
C ARG A 234 -11.74 31.54 41.56
N HIS A 235 -11.72 31.98 42.80
CA HIS A 235 -12.86 32.76 43.29
C HIS A 235 -13.01 34.01 42.44
N LEU A 236 -14.26 34.35 42.10
CA LEU A 236 -14.50 35.46 41.19
C LEU A 236 -13.94 36.79 41.70
N SER A 237 -14.12 37.08 42.96
CA SER A 237 -13.61 38.35 43.49
C SER A 237 -12.07 38.34 43.59
N ALA A 238 -11.46 37.16 43.78
CA ALA A 238 -10.00 37.08 43.74
C ALA A 238 -9.47 37.34 42.33
N LEU A 239 -10.16 36.84 41.30
CA LEU A 239 -9.73 37.07 39.94
C LEU A 239 -9.89 38.54 39.59
N GLU A 240 -10.97 39.15 40.02
CA GLU A 240 -11.18 40.57 39.83
C GLU A 240 -10.01 41.36 40.46
N ALA A 241 -9.62 40.96 41.67
CA ALA A 241 -8.54 41.66 42.40
C ALA A 241 -7.23 41.50 41.67
N ILE A 242 -6.99 40.34 41.09
CA ILE A 242 -5.78 40.11 40.27
C ILE A 242 -5.76 40.97 39.03
N TYR A 243 -6.90 41.09 38.35
CA TYR A 243 -6.89 41.97 37.20
C TYR A 243 -6.56 43.41 37.60
N GLU A 244 -7.11 43.88 38.72
CA GLU A 244 -6.76 45.23 39.17
C GLU A 244 -5.27 45.35 39.52
N SER A 245 -4.73 44.40 40.29
CA SER A 245 -3.37 44.53 40.82
C SER A 245 -2.29 44.12 39.84
N GLN A 246 -2.64 43.33 38.84
CA GLN A 246 -1.66 42.84 37.89
C GLN A 246 -2.09 43.21 36.47
N LYS A 247 -2.86 44.29 36.34
CA LYS A 247 -3.37 44.72 35.03
C LYS A 247 -2.26 44.84 33.99
N GLU A 248 -1.16 45.50 34.36
CA GLU A 248 -0.06 45.71 33.39
C GLU A 248 0.54 44.39 32.90
N PHE A 249 0.80 43.47 33.84
CA PHE A 249 1.31 42.17 33.48
C PHE A 249 0.36 41.49 32.48
N ILE A 250 -0.92 41.50 32.80
CA ILE A 250 -1.92 40.79 31.99
C ILE A 250 -1.98 41.37 30.57
N ASP A 251 -2.06 42.68 30.48
CA ASP A 251 -2.13 43.34 29.16
C ASP A 251 -0.86 43.04 28.35
N LEU A 252 0.31 43.06 29.00
CA LEU A 252 1.57 42.75 28.30
C LEU A 252 1.62 41.30 27.84
N PHE A 253 1.17 40.37 28.69
CA PHE A 253 1.12 38.98 28.31
C PHE A 253 0.27 38.75 27.07
N ILE A 254 -0.89 39.37 27.06
CA ILE A 254 -1.81 39.30 25.94
C ILE A 254 -1.20 39.92 24.67
N ALA A 255 -0.60 41.12 24.80
CA ALA A 255 0.11 41.73 23.69
C ALA A 255 1.23 40.85 23.13
N LYS A 256 1.99 40.20 23.99
CA LYS A 256 3.04 39.29 23.55
C LYS A 256 2.51 38.09 22.78
N GLN A 257 1.37 37.56 23.23
CA GLN A 257 0.70 36.50 22.45
C GLN A 257 0.19 37.01 21.10
N PHE A 258 -0.29 38.24 21.06
CA PHE A 258 -0.64 38.87 19.80
C PHE A 258 0.56 38.97 18.87
N LEU A 259 1.69 39.39 19.39
CA LEU A 259 2.88 39.55 18.55
C LEU A 259 3.33 38.20 18.01
N PHE A 260 3.27 37.18 18.85
CA PHE A 260 3.58 35.81 18.42
C PHE A 260 2.63 35.40 17.28
N GLN A 261 1.33 35.61 17.49
CA GLN A 261 0.32 35.23 16.51
C GLN A 261 0.55 35.94 15.18
N ARG A 262 0.81 37.25 15.25
CA ARG A 262 1.03 38.03 14.05
C ARG A 262 2.21 37.48 13.25
N GLN A 263 3.34 37.27 13.93
CA GLN A 263 4.55 36.77 13.27
C GLN A 263 4.38 35.35 12.74
N TRP A 264 3.76 34.48 13.54
CA TRP A 264 3.55 33.11 13.08
C TRP A 264 2.60 33.09 11.89
N GLN A 265 1.53 33.88 11.94
CA GLN A 265 0.59 33.91 10.83
C GLN A 265 1.23 34.45 9.55
N LYS A 266 2.19 35.37 9.66
CA LYS A 266 2.91 35.80 8.46
C LYS A 266 3.77 34.66 7.89
N VAL A 267 4.39 33.89 8.75
CA VAL A 267 5.17 32.72 8.30
C VAL A 267 4.24 31.72 7.62
N ARG A 268 3.08 31.44 8.23
CA ARG A 268 2.17 30.47 7.67
C ARG A 268 1.61 30.90 6.30
N GLU A 269 1.23 32.16 6.18
CA GLU A 269 0.71 32.69 4.95
C GLU A 269 1.78 32.66 3.84
N TYR A 270 3.03 32.98 4.20
CA TYR A 270 4.13 32.91 3.22
C TYR A 270 4.35 31.46 2.75
N ALA A 271 4.35 30.52 3.69
CA ALA A 271 4.44 29.11 3.37
C ALA A 271 3.33 28.72 2.38
N ARG A 272 2.09 29.09 2.68
CA ARG A 272 0.96 28.75 1.83
C ARG A 272 1.19 29.32 0.42
N ARG A 273 1.66 30.56 0.35
CA ARG A 273 1.96 31.15 -0.96
C ARG A 273 3.01 30.36 -1.77
N GLN A 274 3.96 29.75 -1.09
CA GLN A 274 5.01 28.91 -1.70
C GLN A 274 4.67 27.41 -1.75
N GLY A 275 3.41 27.08 -1.55
CA GLY A 275 2.96 25.68 -1.70
C GLY A 275 3.42 24.77 -0.54
N VAL A 276 3.66 25.32 0.66
CA VAL A 276 4.13 24.53 1.78
C VAL A 276 3.10 24.51 2.89
N ASP A 277 2.65 23.29 3.27
CA ASP A 277 1.77 23.09 4.41
C ASP A 277 2.60 22.99 5.67
N ILE A 278 2.09 23.48 6.80
CA ILE A 278 2.80 23.34 8.08
C ILE A 278 2.09 22.32 8.96
N MET A 279 2.87 21.36 9.48
CA MET A 279 2.38 20.31 10.36
C MET A 279 2.90 20.56 11.74
N GLY A 280 1.99 20.80 12.68
CA GLY A 280 2.35 21.00 14.08
C GLY A 280 2.28 19.71 14.87
N ASP A 281 2.44 19.85 16.17
CA ASP A 281 2.56 18.73 17.08
C ASP A 281 1.83 19.06 18.39
N MET A 282 0.94 18.16 18.79
CA MET A 282 0.11 18.33 19.95
C MET A 282 0.23 17.08 20.81
N PRO A 283 0.89 17.18 21.96
CA PRO A 283 0.89 16.05 22.90
C PRO A 283 -0.50 15.80 23.45
N ILE A 284 -0.89 14.53 23.57
CA ILE A 284 -2.24 14.23 24.01
C ILE A 284 -2.51 14.85 25.40
N TYR A 285 -1.53 14.78 26.31
CA TYR A 285 -1.71 15.27 27.67
C TYR A 285 -1.06 16.63 27.88
N VAL A 286 -1.56 17.33 28.89
CA VAL A 286 -1.06 18.66 29.26
C VAL A 286 -0.47 18.56 30.66
N GLY A 287 0.39 19.51 31.04
CA GLY A 287 0.99 19.52 32.38
C GLY A 287 0.06 20.06 33.45
N TYR A 288 0.29 19.61 34.68
CA TYR A 288 -0.54 19.98 35.81
C TYR A 288 -0.50 21.48 36.09
N HIS A 289 0.72 22.03 36.12
CA HIS A 289 0.89 23.45 36.43
C HIS A 289 0.74 24.25 35.16
N SER A 290 -0.51 24.49 34.81
CA SER A 290 -0.89 25.18 33.57
C SER A 290 -2.28 25.74 33.74
N ALA A 291 -2.61 26.78 32.97
CA ALA A 291 -3.97 27.31 32.93
C ALA A 291 -4.95 26.28 32.42
N ASP A 292 -4.45 25.39 31.55
CA ASP A 292 -5.29 24.35 30.98
C ASP A 292 -5.96 23.50 32.04
N VAL A 293 -5.23 23.17 33.10
CA VAL A 293 -5.76 22.36 34.17
C VAL A 293 -6.46 23.27 35.22
N TRP A 294 -5.74 24.28 35.66
CA TRP A 294 -6.24 25.16 36.75
C TRP A 294 -7.59 25.78 36.42
N ALA A 295 -7.78 26.21 35.19
CA ALA A 295 -9.02 26.83 34.79
C ALA A 295 -10.09 25.86 34.31
N ASN A 296 -9.79 24.56 34.30
CA ASN A 296 -10.75 23.55 33.82
C ASN A 296 -10.74 22.30 34.68
N LYS A 297 -10.78 22.49 36.00
CA LYS A 297 -10.49 21.39 36.94
C LYS A 297 -11.45 20.20 36.78
N LYS A 298 -12.72 20.49 36.46
CA LYS A 298 -13.74 19.45 36.35
C LYS A 298 -13.52 18.56 35.13
N HIS A 299 -12.66 18.99 34.21
CA HIS A 299 -12.36 18.21 33.01
C HIS A 299 -11.21 17.22 33.23
N PHE A 300 -10.61 17.22 34.42
CA PHE A 300 -9.51 16.33 34.79
C PHE A 300 -9.85 15.49 36.00
N LEU A 301 -9.11 14.39 36.18
CA LEU A 301 -9.29 13.48 37.30
C LEU A 301 -8.49 13.98 38.52
N LEU A 302 -9.06 14.95 39.22
CA LEU A 302 -8.45 15.53 40.40
C LEU A 302 -9.30 15.17 41.64
N ASN A 303 -8.70 15.20 42.82
CA ASN A 303 -9.45 15.00 44.05
C ASN A 303 -10.04 16.33 44.53
N LYS A 304 -10.70 16.33 45.68
CA LYS A 304 -11.34 17.57 46.18
C LYS A 304 -10.37 18.69 46.50
N LYS A 305 -9.09 18.36 46.75
CA LYS A 305 -8.05 19.37 46.98
C LYS A 305 -7.37 19.81 45.67
N GLY A 306 -7.84 19.32 44.53
CA GLY A 306 -7.24 19.65 43.23
C GLY A 306 -5.96 18.89 42.92
N PHE A 307 -5.70 17.81 43.66
CA PHE A 307 -4.51 16.99 43.39
C PHE A 307 -4.89 15.84 42.47
N PRO A 308 -4.03 15.49 41.50
CA PRO A 308 -4.45 14.41 40.61
C PRO A 308 -4.70 13.08 41.35
N LEU A 309 -5.76 12.40 40.95
CA LEU A 309 -6.07 11.06 41.46
C LEU A 309 -5.23 10.01 40.77
N LEU A 310 -5.09 10.17 39.46
CA LEU A 310 -4.37 9.21 38.63
C LEU A 310 -3.50 10.03 37.68
N VAL A 311 -2.35 9.49 37.30
CA VAL A 311 -1.47 10.18 36.37
C VAL A 311 -1.07 9.28 35.21
N SER A 312 -0.49 9.90 34.19
CA SER A 312 -0.25 9.23 32.94
C SER A 312 1.04 8.44 32.95
N GLY A 313 1.11 7.51 32.01
CA GLY A 313 2.29 6.64 31.83
C GLY A 313 1.99 5.54 30.84
N VAL A 314 2.91 4.60 30.71
CA VAL A 314 2.67 3.36 29.98
C VAL A 314 3.27 2.20 30.77
N PRO A 315 2.68 1.01 30.64
CA PRO A 315 3.15 -0.12 31.43
C PRO A 315 4.38 -0.76 30.82
N PRO A 316 5.03 -1.68 31.59
CA PRO A 316 6.08 -2.51 30.97
C PRO A 316 5.56 -3.29 29.74
N ASP A 317 6.49 -3.65 28.87
CA ASP A 317 6.21 -3.90 27.48
C ASP A 317 7.10 -5.05 26.98
N LEU A 318 6.90 -5.53 25.74
CA LEU A 318 7.91 -6.37 25.08
C LEU A 318 9.25 -5.64 24.98
N PHE A 319 9.20 -4.32 24.81
CA PHE A 319 10.38 -3.48 24.61
C PHE A 319 10.76 -2.59 25.81
N SER A 320 10.22 -2.88 26.99
CA SER A 320 10.48 -2.09 28.20
C SER A 320 10.20 -2.91 29.45
N GLU A 321 11.23 -3.19 30.25
CA GLU A 321 11.05 -3.94 31.49
C GLU A 321 10.23 -3.20 32.58
N THR A 322 10.18 -1.86 32.56
CA THR A 322 9.52 -1.09 33.64
C THR A 322 8.43 -0.07 33.25
N GLY A 323 8.17 0.08 31.94
CA GLY A 323 7.21 1.09 31.49
C GLY A 323 7.74 2.49 31.76
N GLN A 324 6.85 3.48 31.76
CA GLN A 324 7.24 4.87 31.95
C GLN A 324 6.19 5.61 32.77
N LEU A 325 6.63 6.32 33.79
CA LEU A 325 5.71 7.16 34.60
C LEU A 325 5.91 8.59 34.16
N TRP A 326 4.98 9.11 33.36
CA TRP A 326 5.11 10.47 32.87
C TRP A 326 4.60 11.46 33.90
N GLY A 327 3.48 11.13 34.54
CA GLY A 327 3.04 11.87 35.72
C GLY A 327 2.14 13.08 35.43
N SER A 328 1.63 13.20 34.20
CA SER A 328 0.60 14.19 33.82
C SER A 328 -0.74 13.84 34.39
N PRO A 329 -1.54 14.87 34.64
CA PRO A 329 -2.92 14.56 35.01
C PRO A 329 -3.64 13.93 33.83
N LEU A 330 -4.74 13.25 34.12
CA LEU A 330 -5.51 12.58 33.11
C LEU A 330 -6.84 13.29 32.96
N TYR A 331 -7.36 13.19 31.75
CA TYR A 331 -8.68 13.73 31.46
C TYR A 331 -9.78 12.91 32.12
N ASP A 332 -10.77 13.64 32.65
CA ASP A 332 -12.03 13.03 33.02
C ASP A 332 -12.92 12.97 31.78
N TRP A 333 -12.76 11.89 31.01
CA TRP A 333 -13.42 11.81 29.71
C TRP A 333 -14.94 11.77 29.85
N LYS A 334 -15.44 11.16 30.94
CA LYS A 334 -16.87 11.10 31.16
C LYS A 334 -17.42 12.51 31.36
N ALA A 335 -16.77 13.29 32.21
CA ALA A 335 -17.11 14.70 32.39
C ALA A 335 -17.00 15.50 31.08
N MET A 336 -15.97 15.26 30.31
CA MET A 336 -15.83 15.94 29.00
C MET A 336 -16.96 15.57 28.01
N GLU A 337 -17.36 14.30 27.98
CA GLU A 337 -18.49 13.85 27.17
C GLU A 337 -19.74 14.72 27.43
N SER A 338 -19.97 15.06 28.70
CA SER A 338 -21.15 15.83 29.12
C SER A 338 -21.27 17.24 28.60
N ASP A 339 -20.19 17.84 28.09
CA ASP A 339 -20.33 19.12 27.41
C ASP A 339 -19.78 19.02 26.00
N GLN A 340 -19.94 17.83 25.42
CA GLN A 340 -19.62 17.55 24.03
C GLN A 340 -18.15 17.89 23.76
N TYR A 341 -17.32 17.52 24.74
CA TYR A 341 -15.90 17.66 24.66
C TYR A 341 -15.43 19.09 24.32
N SER A 342 -16.02 20.12 24.94
CA SER A 342 -15.70 21.51 24.57
C SER A 342 -14.20 21.86 24.72
N TRP A 343 -13.54 21.32 25.74
CA TRP A 343 -12.13 21.63 25.98
C TRP A 343 -11.26 21.14 24.81
N TRP A 344 -11.49 19.89 24.39
CA TRP A 344 -10.76 19.35 23.25
C TRP A 344 -11.15 20.01 21.94
N VAL A 345 -12.43 20.31 21.75
CA VAL A 345 -12.84 21.10 20.58
C VAL A 345 -12.08 22.42 20.50
N ASN A 346 -12.02 23.15 21.61
CA ASN A 346 -11.26 24.40 21.67
C ASN A 346 -9.76 24.19 21.38
N ARG A 347 -9.20 23.10 21.87
CA ARG A 347 -7.78 22.81 21.63
C ARG A 347 -7.49 22.60 20.15
N ILE A 348 -8.38 21.85 19.49
CA ILE A 348 -8.26 21.62 18.07
C ILE A 348 -8.47 22.89 17.26
N ARG A 349 -9.40 23.73 17.67
CA ARG A 349 -9.62 25.01 16.99
C ARG A 349 -8.34 25.83 17.04
N ARG A 350 -7.65 25.81 18.18
CA ARG A 350 -6.36 26.53 18.29
C ARG A 350 -5.32 25.85 17.37
N ALA A 351 -5.29 24.52 17.35
CA ALA A 351 -4.40 23.83 16.39
C ALA A 351 -4.69 24.18 14.95
N GLN A 352 -5.97 24.31 14.59
CA GLN A 352 -6.30 24.73 13.23
C GLN A 352 -5.85 26.15 12.90
N ASP A 353 -5.93 27.02 13.88
CA ASP A 353 -5.47 28.38 13.76
C ASP A 353 -3.95 28.43 13.46
N LEU A 354 -3.17 27.53 14.03
CA LEU A 354 -1.72 27.56 13.89
C LEU A 354 -1.18 26.72 12.72
N TYR A 355 -1.82 25.61 12.40
CA TYR A 355 -1.23 24.61 11.52
C TYR A 355 -2.23 24.12 10.48
N ASP A 356 -1.73 23.66 9.33
CA ASP A 356 -2.53 22.96 8.37
C ASP A 356 -2.92 21.55 8.85
N GLU A 357 -2.01 20.90 9.58
CA GLU A 357 -2.18 19.49 9.97
C GLU A 357 -1.47 19.35 11.29
N CYS A 358 -1.80 18.33 12.06
CA CYS A 358 -1.19 18.21 13.39
C CYS A 358 -1.00 16.75 13.78
N ARG A 359 0.21 16.40 14.20
CA ARG A 359 0.52 15.13 14.83
C ARG A 359 0.04 15.15 16.26
N ILE A 360 -0.58 14.05 16.73
CA ILE A 360 -0.91 13.95 18.13
C ILE A 360 -0.08 12.84 18.71
N ASP A 361 0.74 13.19 19.68
CA ASP A 361 1.60 12.23 20.35
C ASP A 361 0.79 11.36 21.31
N HIS A 362 1.04 10.06 21.25
CA HIS A 362 0.36 9.08 22.09
C HIS A 362 -1.13 9.07 21.77
N PHE A 363 -1.43 9.07 20.49
CA PHE A 363 -2.78 8.95 19.99
C PHE A 363 -3.52 7.75 20.60
N ARG A 364 -2.79 6.70 20.95
CA ARG A 364 -3.45 5.48 21.49
C ARG A 364 -4.28 5.80 22.73
N GLY A 365 -3.94 6.88 23.44
CA GLY A 365 -4.69 7.30 24.63
C GLY A 365 -6.14 7.62 24.38
N PHE A 366 -6.50 7.95 23.14
CA PHE A 366 -7.91 8.15 22.80
C PHE A 366 -8.73 6.85 22.83
N ALA A 367 -8.07 5.71 22.61
CA ALA A 367 -8.77 4.39 22.61
C ALA A 367 -8.71 3.76 23.99
N GLY A 368 -7.54 3.78 24.58
CA GLY A 368 -7.32 3.21 25.92
C GLY A 368 -6.12 3.91 26.51
N PHE A 369 -6.13 4.16 27.82
CA PHE A 369 -5.04 4.86 28.45
C PHE A 369 -4.64 4.23 29.76
N TRP A 370 -3.35 4.27 30.07
CA TRP A 370 -2.79 3.72 31.27
C TRP A 370 -2.87 4.77 32.38
N ALA A 371 -3.40 4.38 33.53
CA ALA A 371 -3.66 5.27 34.64
C ALA A 371 -2.96 4.73 35.89
N VAL A 372 -2.08 5.54 36.46
CA VAL A 372 -1.27 5.17 37.62
C VAL A 372 -1.72 5.97 38.88
N PRO A 373 -2.00 5.28 39.99
CA PRO A 373 -2.25 6.03 41.23
C PRO A 373 -1.19 7.12 41.48
N SER A 374 -1.62 8.34 41.78
CA SER A 374 -0.70 9.48 41.77
C SER A 374 0.36 9.39 42.86
N GLU A 375 0.14 8.54 43.87
CA GLU A 375 1.11 8.33 44.94
C GLU A 375 2.19 7.30 44.57
N ALA A 376 2.06 6.65 43.42
CA ALA A 376 3.00 5.61 42.99
C ALA A 376 4.36 6.17 42.50
N LYS A 377 5.43 5.43 42.75
CA LYS A 377 6.77 5.81 42.28
C LYS A 377 7.12 5.03 41.00
N VAL A 378 6.21 4.15 40.57
CA VAL A 378 6.47 3.11 39.57
C VAL A 378 5.26 2.99 38.60
N ALA A 379 5.53 2.89 37.29
CA ALA A 379 4.46 2.76 36.28
C ALA A 379 3.70 1.43 36.36
N MET A 380 4.36 0.35 36.83
CA MET A 380 3.73 -1.00 36.83
C MET A 380 2.41 -1.05 37.65
N VAL A 381 2.25 -0.15 38.61
CA VAL A 381 1.08 -0.15 39.51
C VAL A 381 -0.29 0.26 38.88
N GLY A 382 -0.30 0.69 37.65
CA GLY A 382 -1.55 1.18 37.05
C GLY A 382 -2.51 0.17 36.46
N ARG A 383 -3.47 0.68 35.68
CA ARG A 383 -4.36 -0.14 34.86
C ARG A 383 -4.86 0.62 33.64
N TRP A 384 -5.37 -0.14 32.66
CA TRP A 384 -5.90 0.42 31.43
C TRP A 384 -7.35 0.86 31.56
N LYS A 385 -7.63 2.07 31.10
CA LYS A 385 -8.95 2.63 31.16
C LYS A 385 -9.47 2.87 29.74
N VAL A 386 -10.79 2.87 29.60
CA VAL A 386 -11.42 3.09 28.32
C VAL A 386 -11.39 4.57 27.91
N GLY A 387 -10.84 4.85 26.72
CA GLY A 387 -10.81 6.20 26.20
C GLY A 387 -12.11 6.54 25.51
N PRO A 388 -12.26 7.79 25.07
CA PRO A 388 -13.48 8.30 24.45
C PRO A 388 -13.78 7.75 23.05
N GLY A 389 -12.78 7.27 22.34
CA GLY A 389 -13.00 6.70 21.01
C GLY A 389 -13.53 7.69 20.00
N LYS A 390 -14.29 7.19 19.04
CA LYS A 390 -14.70 8.03 17.92
C LYS A 390 -15.71 9.14 18.32
N SER A 391 -16.39 8.99 19.44
CA SER A 391 -17.34 10.05 19.82
C SER A 391 -16.62 11.40 20.00
N LEU A 392 -15.37 11.36 20.44
CA LEU A 392 -14.53 12.58 20.53
C LEU A 392 -14.37 13.23 19.17
N PHE A 393 -13.96 12.43 18.20
CA PHE A 393 -13.72 12.93 16.85
C PHE A 393 -14.98 13.36 16.14
N ASP A 394 -16.09 12.68 16.43
CA ASP A 394 -17.40 13.14 15.95
C ASP A 394 -17.73 14.55 16.47
N ALA A 395 -17.49 14.77 17.76
CA ALA A 395 -17.74 16.08 18.37
C ALA A 395 -16.82 17.15 17.78
N ILE A 396 -15.57 16.80 17.54
CA ILE A 396 -14.64 17.72 16.92
C ILE A 396 -15.12 18.09 15.53
N SER A 397 -15.55 17.08 14.77
CA SER A 397 -16.04 17.31 13.41
C SER A 397 -17.27 18.24 13.42
N LYS A 398 -18.22 17.98 14.30
CA LYS A 398 -19.39 18.84 14.45
C LYS A 398 -18.94 20.27 14.80
N GLY A 399 -17.98 20.40 15.71
CA GLY A 399 -17.56 21.71 16.19
C GLY A 399 -16.67 22.52 15.27
N VAL A 400 -15.84 21.84 14.48
CA VAL A 400 -14.73 22.47 13.81
C VAL A 400 -14.63 22.14 12.31
N GLY A 401 -15.36 21.12 11.87
CA GLY A 401 -15.29 20.67 10.50
C GLY A 401 -14.12 19.71 10.31
N LYS A 402 -13.63 19.68 9.09
CA LYS A 402 -12.62 18.73 8.68
C LYS A 402 -11.31 19.02 9.40
N ILE A 403 -10.67 17.98 9.95
CA ILE A 403 -9.35 18.14 10.54
C ILE A 403 -8.36 17.21 9.82
N LYS A 404 -7.07 17.50 9.97
CA LYS A 404 -6.01 16.68 9.40
C LYS A 404 -5.03 16.33 10.49
N ILE A 405 -5.22 15.15 11.06
CA ILE A 405 -4.46 14.68 12.18
C ILE A 405 -3.55 13.56 11.71
N ILE A 406 -2.36 13.48 12.31
CA ILE A 406 -1.45 12.38 12.13
C ILE A 406 -1.35 11.67 13.48
N ALA A 407 -1.61 10.36 13.50
CA ALA A 407 -1.56 9.59 14.74
C ALA A 407 -0.16 9.09 15.01
N GLU A 408 0.43 9.49 16.13
CA GLU A 408 1.67 8.85 16.57
C GLU A 408 1.19 7.55 17.23
N ASP A 409 1.54 6.45 16.59
CA ASP A 409 1.02 5.14 16.95
C ASP A 409 2.15 4.10 17.02
N LEU A 410 3.30 4.53 17.51
CA LEU A 410 4.47 3.68 17.58
C LEU A 410 4.36 2.68 18.77
N GLY A 411 5.11 1.59 18.70
CA GLY A 411 5.15 0.61 19.80
C GLY A 411 4.03 -0.41 19.78
N VAL A 412 3.94 -1.19 20.86
CA VAL A 412 2.93 -2.23 20.93
C VAL A 412 1.60 -1.55 21.19
N ILE A 413 0.70 -1.63 20.23
CA ILE A 413 -0.61 -1.03 20.35
C ILE A 413 -1.63 -2.14 20.18
N THR A 414 -2.84 -1.89 20.70
CA THR A 414 -3.92 -2.86 20.69
C THR A 414 -4.83 -2.63 19.48
N LYS A 415 -5.67 -3.63 19.19
CA LYS A 415 -6.52 -3.62 18.02
C LYS A 415 -7.45 -2.43 17.99
N ASP A 416 -7.91 -1.99 19.16
CA ASP A 416 -8.80 -0.83 19.23
C ASP A 416 -8.13 0.47 18.76
N VAL A 417 -6.82 0.56 18.96
CA VAL A 417 -6.07 1.74 18.51
C VAL A 417 -6.08 1.80 17.00
N VAL A 418 -5.75 0.67 16.38
CA VAL A 418 -5.74 0.58 14.91
C VAL A 418 -7.12 0.87 14.31
N GLU A 419 -8.16 0.29 14.91
CA GLU A 419 -9.53 0.51 14.45
C GLU A 419 -9.98 1.95 14.60
N LEU A 420 -9.65 2.59 15.71
CA LEU A 420 -10.00 3.99 15.86
C LEU A 420 -9.28 4.87 14.81
N ARG A 421 -7.98 4.66 14.67
CA ARG A 421 -7.20 5.44 13.71
C ARG A 421 -7.84 5.31 12.31
N LYS A 422 -8.11 4.09 11.89
CA LYS A 422 -8.74 3.86 10.60
C LYS A 422 -10.14 4.46 10.50
N SER A 423 -10.92 4.41 11.57
CA SER A 423 -12.31 4.91 11.52
C SER A 423 -12.36 6.42 11.25
N ILE A 424 -11.32 7.15 11.64
CA ILE A 424 -11.27 8.58 11.36
C ILE A 424 -10.38 8.96 10.18
N GLY A 425 -9.76 7.95 9.58
CA GLY A 425 -8.97 8.17 8.36
C GLY A 425 -7.62 8.78 8.62
N ALA A 426 -7.12 8.73 9.85
CA ALA A 426 -5.82 9.35 10.16
C ALA A 426 -4.67 8.44 9.76
N PRO A 427 -3.62 8.99 9.12
CA PRO A 427 -2.43 8.18 8.89
C PRO A 427 -1.69 7.94 10.20
N GLY A 428 -1.02 6.80 10.29
CA GLY A 428 -0.03 6.53 11.34
C GLY A 428 1.38 6.76 10.88
N MET A 429 2.34 6.24 11.63
CA MET A 429 3.75 6.55 11.36
C MET A 429 4.56 5.32 11.06
N ALA A 430 5.56 5.47 10.23
CA ALA A 430 6.62 4.48 10.07
C ALA A 430 7.92 5.22 10.32
N VAL A 431 8.88 4.59 10.99
CA VAL A 431 10.18 5.23 11.28
C VAL A 431 11.28 4.26 10.85
N LEU A 432 12.04 4.62 9.84
CA LEU A 432 13.01 3.67 9.25
C LEU A 432 14.11 3.22 10.19
N GLN A 433 14.51 4.05 11.14
CA GLN A 433 15.49 3.62 12.16
C GLN A 433 15.06 2.40 13.00
N PHE A 434 13.76 2.10 13.01
CA PHE A 434 13.22 0.98 13.77
C PHE A 434 13.04 -0.26 12.93
N ALA A 435 13.37 -0.20 11.64
CA ALA A 435 12.94 -1.23 10.68
C ALA A 435 13.77 -2.51 10.67
N PHE A 436 14.94 -2.50 11.27
CA PHE A 436 15.92 -3.56 10.99
C PHE A 436 16.14 -4.53 12.15
N GLY A 437 15.38 -4.37 13.23
CA GLY A 437 15.28 -5.39 14.28
C GLY A 437 14.14 -6.34 13.98
N GLY A 438 14.24 -7.52 14.56
CA GLY A 438 13.29 -8.59 14.28
C GLY A 438 13.37 -9.01 12.83
N GLY A 439 12.28 -9.58 12.36
CA GLY A 439 12.28 -10.19 11.06
C GLY A 439 11.59 -9.30 10.06
N ALA A 440 11.19 -9.91 8.96
CA ALA A 440 10.64 -9.20 7.82
C ALA A 440 9.20 -8.70 8.00
N ASP A 441 8.56 -9.06 9.12
CA ASP A 441 7.23 -8.51 9.50
C ASP A 441 7.26 -7.15 10.25
N ASN A 442 8.45 -6.66 10.52
CA ASN A 442 8.54 -5.36 11.15
C ASN A 442 7.79 -4.29 10.29
N PRO A 443 6.79 -3.59 10.86
CA PRO A 443 5.97 -2.61 10.13
C PRO A 443 6.70 -1.39 9.60
N HIS A 444 7.91 -1.15 10.09
CA HIS A 444 8.72 -0.05 9.63
C HIS A 444 9.52 -0.37 8.37
N LEU A 445 9.58 -1.63 7.98
CA LEU A 445 10.22 -1.99 6.71
C LEU A 445 9.34 -1.47 5.53
N PRO A 446 9.97 -0.91 4.49
CA PRO A 446 9.21 -0.31 3.39
C PRO A 446 8.16 -1.23 2.76
N HIS A 447 8.48 -2.51 2.64
CA HIS A 447 7.51 -3.41 2.03
C HIS A 447 6.25 -3.58 2.86
N ASN A 448 6.30 -3.18 4.13
CA ASN A 448 5.14 -3.21 5.00
C ASN A 448 4.46 -1.87 5.19
N HIS A 449 4.97 -0.81 4.56
CA HIS A 449 4.32 0.48 4.66
C HIS A 449 2.95 0.52 4.01
N GLU A 450 2.14 1.45 4.47
CA GLU A 450 0.78 1.66 3.96
C GLU A 450 0.78 2.98 3.21
N VAL A 451 -0.22 3.19 2.36
CA VAL A 451 -0.34 4.47 1.69
C VAL A 451 -0.69 5.60 2.63
N ASN A 452 -1.73 5.41 3.46
CA ASN A 452 -2.15 6.45 4.42
C ASN A 452 -1.27 6.39 5.67
N GLN A 453 -0.08 6.95 5.55
CA GLN A 453 0.96 6.82 6.53
C GLN A 453 1.96 7.93 6.30
N VAL A 454 2.66 8.31 7.35
CA VAL A 454 3.79 9.23 7.26
C VAL A 454 5.03 8.49 7.62
N VAL A 455 6.01 8.47 6.70
CA VAL A 455 7.27 7.77 6.93
C VAL A 455 8.34 8.80 7.26
N TYR A 456 9.06 8.51 8.34
CA TYR A 456 10.20 9.31 8.80
C TYR A 456 11.48 8.49 8.65
N SER A 457 12.61 9.15 8.39
CA SER A 457 13.90 8.50 8.64
C SER A 457 14.07 8.31 10.14
N GLY A 458 13.70 9.33 10.90
CA GLY A 458 13.77 9.34 12.37
C GLY A 458 13.02 10.57 12.85
N THR A 459 12.76 10.63 14.15
CA THR A 459 12.12 11.80 14.76
C THR A 459 13.10 12.57 15.61
N HIS A 460 12.58 13.63 16.24
CA HIS A 460 13.36 14.42 17.17
C HIS A 460 13.85 13.62 18.38
N ASP A 461 13.24 12.48 18.67
CA ASP A 461 13.65 11.63 19.81
C ASP A 461 14.77 10.63 19.45
N ASN A 462 15.06 10.52 18.17
CA ASN A 462 16.09 9.59 17.65
C ASN A 462 17.37 10.33 17.38
N ASP A 463 18.47 9.57 17.34
CA ASP A 463 19.71 10.10 16.82
C ASP A 463 19.54 10.42 15.36
N THR A 464 20.49 11.15 14.81
CA THR A 464 20.52 11.37 13.38
C THR A 464 20.81 10.02 12.73
N ILE A 465 20.52 9.91 11.45
CA ILE A 465 20.87 8.68 10.73
C ILE A 465 22.34 8.33 10.80
N ARG A 466 23.23 9.29 10.59
CA ARG A 466 24.65 9.01 10.73
C ARG A 466 25.03 8.55 12.16
N GLY A 467 24.49 9.21 13.17
CA GLY A 467 24.75 8.81 14.55
C GLY A 467 24.21 7.42 14.84
N TRP A 468 22.99 7.17 14.39
CA TRP A 468 22.34 5.85 14.54
C TRP A 468 23.16 4.75 13.88
N TRP A 469 23.65 5.02 12.67
CA TRP A 469 24.43 4.04 11.91
C TRP A 469 25.71 3.68 12.66
N ASP A 470 26.33 4.70 13.21
CA ASP A 470 27.55 4.53 13.98
C ASP A 470 27.43 3.54 15.13
N THR A 471 26.27 3.51 15.80
CA THR A 471 26.12 2.66 16.99
C THR A 471 25.20 1.46 16.75
N LEU A 472 24.84 1.23 15.49
CA LEU A 472 23.91 0.18 15.17
C LEU A 472 24.49 -1.22 15.40
N ASP A 473 23.64 -2.07 15.97
CA ASP A 473 23.91 -3.49 16.21
C ASP A 473 24.31 -4.20 14.92
N GLN A 474 25.33 -5.05 14.98
CA GLN A 474 25.88 -5.65 13.76
C GLN A 474 24.84 -6.44 12.95
N GLU A 475 23.95 -7.15 13.65
CA GLU A 475 22.87 -7.91 13.01
C GLU A 475 21.86 -7.01 12.30
N GLU A 476 21.48 -5.89 12.93
CA GLU A 476 20.62 -4.90 12.29
C GLU A 476 21.34 -4.24 11.11
N LYS A 477 22.63 -3.92 11.29
CA LYS A 477 23.38 -3.28 10.20
C LYS A 477 23.48 -4.15 8.96
N SER A 478 23.87 -5.41 9.14
CA SER A 478 23.94 -6.34 8.02
C SER A 478 22.62 -6.42 7.30
N LYS A 479 21.53 -6.45 8.05
CA LYS A 479 20.21 -6.45 7.47
C LYS A 479 19.93 -5.17 6.66
N ALA A 480 20.24 -4.02 7.27
CA ALA A 480 20.03 -2.73 6.61
C ALA A 480 20.83 -2.62 5.30
N MET A 481 22.03 -3.16 5.30
CA MET A 481 22.89 -3.17 4.11
C MET A 481 22.28 -3.95 2.92
N LYS A 482 21.45 -4.94 3.22
CA LYS A 482 20.71 -5.68 2.17
C LYS A 482 19.52 -4.94 1.62
N TYR A 483 18.81 -4.21 2.50
CA TYR A 483 17.60 -3.56 2.13
CA TYR A 483 17.58 -3.52 2.15
C TYR A 483 17.86 -2.19 1.50
N LEU A 484 18.84 -1.46 2.02
CA LEU A 484 19.11 -0.10 1.54
C LEU A 484 20.10 -0.07 0.38
N SER A 485 20.03 0.98 -0.42
CA SER A 485 20.97 1.23 -1.48
C SER A 485 22.02 2.19 -0.93
N ILE A 486 23.23 1.70 -0.66
CA ILE A 486 24.22 2.52 0.01
C ILE A 486 25.40 2.77 -0.89
N ALA A 487 25.82 4.02 -0.99
CA ALA A 487 27.06 4.35 -1.65
C ALA A 487 28.13 4.51 -0.58
N GLY A 488 28.61 5.72 -0.32
CA GLY A 488 29.59 5.90 0.73
C GLY A 488 28.85 5.87 2.06
N GLU A 489 29.46 5.26 3.07
CA GLU A 489 28.83 5.30 4.42
C GLU A 489 28.69 6.71 4.95
N ASP A 490 29.54 7.62 4.50
CA ASP A 490 29.38 9.07 4.82
C ASP A 490 28.04 9.62 4.38
N ASP A 491 27.42 8.98 3.40
CA ASP A 491 26.16 9.42 2.86
C ASP A 491 25.02 8.49 3.21
N ILE A 492 25.18 7.75 4.32
CA ILE A 492 24.14 6.88 4.84
C ILE A 492 22.82 7.63 5.06
N SER A 493 22.85 8.90 5.43
CA SER A 493 21.59 9.60 5.64
C SER A 493 20.79 9.66 4.32
N TRP A 494 21.46 9.88 3.22
CA TRP A 494 20.82 9.90 1.91
C TRP A 494 20.29 8.54 1.47
N SER A 495 20.94 7.46 1.90
CA SER A 495 20.38 6.10 1.64
C SER A 495 19.04 5.93 2.29
N VAL A 496 18.93 6.42 3.52
CA VAL A 496 17.71 6.28 4.27
C VAL A 496 16.66 7.24 3.74
N ILE A 497 17.08 8.45 3.37
CA ILE A 497 16.18 9.40 2.73
C ILE A 497 15.56 8.77 1.47
N GLN A 498 16.39 8.12 0.65
CA GLN A 498 15.91 7.48 -0.57
C GLN A 498 14.90 6.42 -0.25
N ALA A 499 15.15 5.62 0.79
CA ALA A 499 14.21 4.59 1.17
C ALA A 499 12.90 5.16 1.64
N ALA A 500 12.95 6.26 2.38
CA ALA A 500 11.74 6.94 2.76
C ALA A 500 10.97 7.44 1.53
N PHE A 501 11.66 8.09 0.60
CA PHE A 501 10.97 8.65 -0.56
C PHE A 501 10.40 7.57 -1.50
N SER A 502 11.08 6.43 -1.59
CA SER A 502 10.67 5.31 -2.43
C SER A 502 9.46 4.54 -1.87
N SER A 503 9.11 4.80 -0.62
CA SER A 503 7.95 4.18 0.02
C SER A 503 6.62 4.51 -0.70
N THR A 504 5.65 3.61 -0.57
CA THR A 504 4.25 3.90 -0.93
C THR A 504 3.56 4.86 0.04
N ALA A 505 4.18 5.14 1.20
CA ALA A 505 3.57 6.07 2.15
C ALA A 505 3.39 7.42 1.46
N GLN A 506 2.23 8.01 1.68
CA GLN A 506 1.88 9.21 0.98
C GLN A 506 2.79 10.40 1.35
N THR A 507 3.29 10.43 2.57
CA THR A 507 4.09 11.55 3.05
C THR A 507 5.39 11.01 3.66
N ALA A 508 6.51 11.61 3.25
CA ALA A 508 7.80 11.28 3.79
C ALA A 508 8.39 12.54 4.42
N ILE A 509 8.82 12.46 5.68
CA ILE A 509 9.39 13.59 6.42
C ILE A 509 10.80 13.28 6.92
N ILE A 510 11.72 14.21 6.63
CA ILE A 510 13.11 14.06 6.96
C ILE A 510 13.59 15.20 7.91
N PRO A 511 14.25 14.87 9.05
CA PRO A 511 14.86 15.91 9.88
C PRO A 511 15.93 16.68 9.10
N MET A 512 15.99 17.99 9.31
CA MET A 512 17.01 18.79 8.68
C MET A 512 18.42 18.25 8.94
N GLN A 513 18.65 17.67 10.14
CA GLN A 513 19.96 17.15 10.48
C GLN A 513 20.45 16.07 9.48
N ASP A 514 19.51 15.27 8.95
CA ASP A 514 19.79 14.20 8.00
C ASP A 514 20.05 14.73 6.59
N ILE A 515 19.35 15.78 6.20
CA ILE A 515 19.70 16.49 4.96
C ILE A 515 21.10 17.05 5.01
N LEU A 516 21.50 17.57 6.17
CA LEU A 516 22.82 18.13 6.34
C LEU A 516 23.89 17.05 6.64
N GLY A 517 23.48 15.79 6.78
CA GLY A 517 24.41 14.67 7.00
C GLY A 517 25.16 14.77 8.31
N LEU A 518 24.49 15.25 9.34
CA LEU A 518 25.16 15.50 10.60
C LEU A 518 25.14 14.29 11.54
N GLY A 519 26.11 14.27 12.44
CA GLY A 519 26.30 13.15 13.40
C GLY A 519 25.56 13.35 14.72
N SER A 520 25.92 12.57 15.73
CA SER A 520 25.20 12.52 16.99
C SER A 520 25.21 13.84 17.76
N SER A 521 26.18 14.71 17.55
CA SER A 521 26.19 16.03 18.21
C SER A 521 24.97 16.88 17.84
N ALA A 522 24.29 16.55 16.74
CA ALA A 522 23.16 17.29 16.26
C ALA A 522 21.80 16.67 16.60
N ARG A 523 21.80 15.61 17.42
CA ARG A 523 20.59 14.95 17.88
C ARG A 523 19.80 15.98 18.66
N MET A 524 18.49 16.06 18.45
CA MET A 524 17.69 17.11 19.12
C MET A 524 17.40 16.75 20.58
N ASN A 525 17.04 15.50 20.83
CA ASN A 525 16.69 15.06 22.18
C ASN A 525 17.08 13.59 22.40
N THR A 526 17.48 13.29 23.64
CA THR A 526 17.69 11.92 24.09
C THR A 526 16.66 11.68 25.19
N PRO A 527 15.66 10.85 24.92
CA PRO A 527 14.61 10.63 25.90
C PRO A 527 15.13 10.23 27.26
N ALA A 528 14.47 10.73 28.30
CA ALA A 528 14.75 10.42 29.68
C ALA A 528 15.99 11.10 30.20
N THR A 529 16.60 11.98 29.43
CA THR A 529 17.67 12.81 29.98
C THR A 529 17.10 14.21 30.24
N GLU A 530 17.66 14.89 31.22
CA GLU A 530 17.07 16.14 31.68
C GLU A 530 17.96 17.35 31.43
N VAL A 531 19.07 17.16 30.73
CA VAL A 531 20.00 18.26 30.47
C VAL A 531 20.54 18.04 29.07
N GLY A 532 20.86 19.15 28.37
CA GLY A 532 21.49 19.08 27.05
C GLY A 532 20.61 18.77 25.84
N ASN A 533 19.31 18.96 25.98
CA ASN A 533 18.40 18.68 24.87
C ASN A 533 17.81 19.97 24.31
N TRP A 534 17.27 19.85 23.10
CA TRP A 534 16.46 20.89 22.45
C TRP A 534 17.28 22.07 21.93
N GLY A 535 18.61 21.96 21.97
CA GLY A 535 19.49 23.08 21.71
C GLY A 535 20.05 23.21 20.28
N TRP A 536 19.87 22.17 19.46
CA TRP A 536 20.50 22.14 18.14
C TRP A 536 20.13 23.36 17.31
N ARG A 537 21.15 23.99 16.72
CA ARG A 537 20.93 25.02 15.74
C ARG A 537 21.72 24.65 14.48
N ILE A 538 21.17 25.04 13.35
CA ILE A 538 21.87 24.92 12.07
C ILE A 538 23.26 25.56 12.21
N PRO A 539 24.32 24.84 11.80
CA PRO A 539 25.66 25.46 11.90
C PRO A 539 25.76 26.82 11.24
N SER A 540 26.49 27.70 11.93
CA SER A 540 26.50 29.15 11.70
C SER A 540 26.89 29.54 10.27
N SER A 541 27.68 28.65 9.66
CA SER A 541 28.17 28.76 8.31
C SER A 541 27.16 28.42 7.20
N THR A 542 26.26 27.50 7.53
CA THR A 542 25.39 26.84 6.56
C THR A 542 24.22 27.75 6.35
N SER A 543 24.12 28.35 5.17
CA SER A 543 23.03 29.23 4.89
C SER A 543 22.17 28.54 3.84
N PHE A 544 20.94 28.97 3.79
CA PHE A 544 20.03 28.37 2.83
C PHE A 544 20.42 28.73 1.42
N ASP A 545 21.23 29.76 1.24
CA ASP A 545 21.83 30.14 -0.05
C ASP A 545 22.93 29.22 -0.52
N ASN A 546 23.40 28.35 0.36
CA ASN A 546 24.49 27.47 0.04
C ASN A 546 24.18 26.01 0.25
N LEU A 547 22.94 25.64 -0.06
CA LEU A 547 22.47 24.26 0.01
C LEU A 547 21.82 23.87 -1.33
N GLU A 548 22.39 24.41 -2.42
CA GLU A 548 21.89 24.14 -3.77
C GLU A 548 22.08 22.66 -4.14
N THR A 549 23.24 22.09 -3.81
CA THR A 549 23.50 20.68 -4.07
C THR A 549 22.49 19.76 -3.38
N GLU A 550 22.20 20.07 -2.12
CA GLU A 550 21.28 19.30 -1.35
C GLU A 550 19.86 19.44 -1.90
N SER A 551 19.51 20.66 -2.29
CA SER A 551 18.23 20.89 -2.92
C SER A 551 18.05 20.09 -4.21
N ASP A 552 19.06 20.13 -5.07
CA ASP A 552 19.04 19.40 -6.35
C ASP A 552 18.89 17.89 -6.09
N ARG A 553 19.64 17.37 -5.13
CA ARG A 553 19.60 15.97 -4.81
C ARG A 553 18.23 15.55 -4.31
N LEU A 554 17.64 16.35 -3.44
CA LEU A 554 16.29 16.07 -2.96
C LEU A 554 15.29 16.11 -4.10
N ARG A 555 15.36 17.16 -4.92
CA ARG A 555 14.43 17.32 -6.03
C ARG A 555 14.50 16.12 -7.00
N ASP A 556 15.71 15.66 -7.29
CA ASP A 556 15.94 14.51 -8.18
C ASP A 556 15.24 13.26 -7.61
N LEU A 557 15.38 13.02 -6.31
CA LEU A 557 14.73 11.89 -5.66
C LEU A 557 13.21 12.02 -5.61
N LEU A 558 12.72 13.22 -5.29
CA LEU A 558 11.28 13.47 -5.33
C LEU A 558 10.70 13.25 -6.73
N SER A 559 11.45 13.65 -7.76
CA SER A 559 11.01 13.46 -9.11
C SER A 559 10.90 11.94 -9.41
N LEU A 560 11.96 11.20 -9.08
CA LEU A 560 12.04 9.77 -9.34
C LEU A 560 10.87 9.04 -8.69
N TYR A 561 10.53 9.45 -7.47
CA TYR A 561 9.53 8.72 -6.68
C TYR A 561 8.14 9.36 -6.66
N GLY A 562 7.89 10.28 -7.59
CA GLY A 562 6.57 10.84 -7.81
C GLY A 562 6.02 11.69 -6.68
N ARG A 563 6.90 12.39 -5.96
CA ARG A 563 6.53 13.24 -4.82
C ARG A 563 6.56 14.76 -5.14
N LEU A 564 6.74 15.09 -6.41
CA LEU A 564 6.72 16.49 -6.80
C LEU A 564 5.36 16.94 -7.29
N SER B 48 -17.57 1.37 28.14
CA SER B 48 -17.92 2.62 28.86
C SER B 48 -16.72 3.55 29.15
N VAL B 49 -16.80 4.79 28.64
CA VAL B 49 -15.67 5.75 28.69
C VAL B 49 -15.21 6.03 30.11
N GLY B 50 -13.90 5.92 30.35
CA GLY B 50 -13.33 6.21 31.66
C GLY B 50 -13.26 5.05 32.62
N GLU B 51 -13.95 3.96 32.29
CA GLU B 51 -13.98 2.79 33.17
C GLU B 51 -12.81 1.88 32.85
N ASP B 52 -12.58 0.90 33.73
CA ASP B 52 -11.50 -0.07 33.54
C ASP B 52 -11.83 -1.03 32.40
N PHE B 53 -10.83 -1.32 31.57
CA PHE B 53 -10.90 -2.42 30.63
C PHE B 53 -10.79 -3.72 31.43
N PRO B 54 -11.25 -4.84 30.85
CA PRO B 54 -10.85 -6.15 31.43
C PRO B 54 -9.32 -6.33 31.45
N SER B 55 -8.82 -7.23 32.28
CA SER B 55 -7.36 -7.42 32.38
C SER B 55 -6.74 -8.07 31.12
N GLU B 56 -7.58 -8.58 30.22
CA GLU B 56 -7.08 -9.12 28.93
C GLU B 56 -6.61 -8.02 27.94
N TYR B 57 -6.85 -6.75 28.27
CA TYR B 57 -6.58 -5.65 27.33
C TYR B 57 -5.24 -5.72 26.64
N GLU B 58 -4.16 -5.89 27.41
CA GLU B 58 -2.80 -5.79 26.89
C GLU B 58 -2.45 -6.89 25.87
N GLN B 59 -3.24 -7.96 25.79
CA GLN B 59 -3.00 -9.03 24.82
C GLN B 59 -3.92 -8.90 23.64
N TRP B 60 -4.72 -7.84 23.60
CA TRP B 60 -5.67 -7.65 22.53
C TRP B 60 -4.92 -7.01 21.36
N LEU B 61 -3.93 -7.73 20.83
CA LEU B 61 -3.03 -7.22 19.79
C LEU B 61 -3.58 -7.47 18.39
N PRO B 62 -3.19 -6.61 17.42
CA PRO B 62 -3.60 -6.86 16.04
C PRO B 62 -3.05 -8.18 15.53
N VAL B 63 -3.88 -8.91 14.81
CA VAL B 63 -3.49 -10.20 14.26
C VAL B 63 -3.37 -10.04 12.75
N PRO B 64 -2.25 -10.49 12.15
CA PRO B 64 -2.21 -10.50 10.69
C PRO B 64 -3.35 -11.34 10.12
N ASP B 65 -4.13 -10.75 9.21
CA ASP B 65 -5.12 -11.47 8.43
C ASP B 65 -4.45 -12.50 7.51
N PRO B 66 -4.73 -13.81 7.71
CA PRO B 66 -4.14 -14.84 6.85
C PRO B 66 -4.42 -14.62 5.37
N GLU B 67 -5.54 -13.98 5.05
CA GLU B 67 -5.83 -13.66 3.65
C GLU B 67 -4.92 -12.55 3.08
N SER B 68 -4.18 -11.85 3.92
CA SER B 68 -3.27 -10.82 3.43
C SER B 68 -1.81 -11.30 3.30
N ARG B 69 -1.55 -12.60 3.46
CA ARG B 69 -0.19 -13.12 3.54
C ARG B 69 0.58 -12.80 2.25
N ARG B 70 1.74 -12.19 2.39
CA ARG B 70 2.60 -11.95 1.19
C ARG B 70 3.18 -13.24 0.67
N ARG B 71 3.31 -13.33 -0.63
CA ARG B 71 3.75 -14.56 -1.26
C ARG B 71 4.40 -14.31 -2.57
N ALA B 72 5.01 -15.37 -3.09
CA ALA B 72 5.64 -15.33 -4.40
C ALA B 72 5.42 -16.63 -5.13
N GLY B 73 5.56 -16.55 -6.43
CA GLY B 73 5.43 -17.73 -7.24
C GLY B 73 6.07 -17.67 -8.60
N VAL B 74 5.83 -18.74 -9.37
CA VAL B 74 6.50 -18.92 -10.66
C VAL B 74 5.47 -19.20 -11.75
N LEU B 75 5.63 -18.54 -12.89
CA LEU B 75 4.83 -18.80 -14.09
C LEU B 75 5.58 -19.84 -14.91
N LEU B 76 4.93 -21.00 -15.14
CA LEU B 76 5.53 -22.10 -15.91
C LEU B 76 4.39 -22.98 -16.42
N HIS B 77 4.27 -23.06 -17.73
CA HIS B 77 3.25 -23.94 -18.32
C HIS B 77 3.79 -25.39 -18.37
N PRO B 78 2.94 -26.39 -18.08
CA PRO B 78 3.44 -27.78 -17.98
C PRO B 78 3.99 -28.34 -19.26
N THR B 79 3.65 -27.76 -20.42
CA THR B 79 4.31 -28.21 -21.66
C THR B 79 5.84 -28.02 -21.61
N SER B 80 6.29 -27.08 -20.78
CA SER B 80 7.70 -26.71 -20.70
C SER B 80 8.53 -27.68 -19.90
N PHE B 81 7.92 -28.63 -19.21
CA PHE B 81 8.73 -29.57 -18.41
C PHE B 81 9.60 -30.42 -19.34
N ARG B 82 10.74 -30.84 -18.80
CA ARG B 82 11.64 -31.79 -19.45
C ARG B 82 11.00 -33.16 -19.59
N GLY B 83 11.62 -33.99 -20.40
CA GLY B 83 11.19 -35.37 -20.54
C GLY B 83 11.32 -35.91 -21.95
N PRO B 84 11.13 -37.24 -22.08
CA PRO B 84 11.40 -37.99 -23.31
C PRO B 84 10.29 -37.99 -24.38
N HIS B 85 9.09 -37.45 -24.10
CA HIS B 85 7.98 -37.69 -25.03
C HIS B 85 7.52 -36.48 -25.84
N GLY B 86 8.42 -35.53 -26.03
CA GLY B 86 8.21 -34.47 -26.99
C GLY B 86 7.52 -33.26 -26.42
N ILE B 87 7.09 -33.35 -25.16
CA ILE B 87 6.32 -32.30 -24.50
C ILE B 87 6.35 -32.57 -22.99
N GLY B 88 6.23 -31.53 -22.19
CA GLY B 88 6.06 -31.71 -20.74
C GLY B 88 4.74 -32.36 -20.43
N ASP B 89 4.65 -33.02 -19.28
CA ASP B 89 3.41 -33.65 -18.88
C ASP B 89 3.15 -33.56 -17.36
N LEU B 90 2.08 -34.22 -16.92
CA LEU B 90 1.61 -34.16 -15.52
C LEU B 90 2.19 -35.25 -14.66
N GLY B 91 3.32 -35.78 -15.07
CA GLY B 91 4.02 -36.82 -14.36
C GLY B 91 5.12 -36.31 -13.43
N GLU B 92 6.18 -37.10 -13.32
CA GLU B 92 7.26 -36.87 -12.35
C GLU B 92 7.79 -35.45 -12.36
N GLU B 93 7.96 -34.83 -13.54
CA GLU B 93 8.54 -33.48 -13.54
C GLU B 93 7.60 -32.45 -12.91
N ALA B 94 6.29 -32.65 -13.03
CA ALA B 94 5.36 -31.75 -12.35
C ALA B 94 5.57 -31.84 -10.82
N PHE B 95 5.72 -33.07 -10.32
CA PHE B 95 5.90 -33.23 -8.86
C PHE B 95 7.25 -32.70 -8.39
N ARG B 96 8.31 -33.02 -9.15
CA ARG B 96 9.66 -32.46 -8.87
C ARG B 96 9.66 -30.92 -8.90
N PHE B 97 8.94 -30.30 -9.83
CA PHE B 97 8.83 -28.85 -9.90
C PHE B 97 8.15 -28.30 -8.62
N ILE B 98 7.04 -28.94 -8.23
CA ILE B 98 6.35 -28.52 -7.00
C ILE B 98 7.28 -28.62 -5.80
N ASP B 99 8.06 -29.69 -5.72
CA ASP B 99 9.04 -29.84 -4.63
C ASP B 99 10.07 -28.71 -4.65
N TRP B 100 10.58 -28.39 -5.84
CA TRP B 100 11.57 -27.33 -5.98
C TRP B 100 10.94 -25.98 -5.59
N LEU B 101 9.72 -25.76 -6.02
CA LEU B 101 9.01 -24.52 -5.71
C LEU B 101 8.83 -24.40 -4.20
N HIS B 102 8.41 -25.47 -3.54
CA HIS B 102 8.30 -25.48 -2.11
C HIS B 102 9.65 -25.19 -1.42
N SER B 103 10.76 -25.75 -1.94
CA SER B 103 12.09 -25.52 -1.41
C SER B 103 12.53 -24.07 -1.45
N THR B 104 12.06 -23.32 -2.44
CA THR B 104 12.38 -21.90 -2.65
C THR B 104 11.61 -21.00 -1.68
N GLY B 105 10.50 -21.50 -1.14
CA GLY B 105 9.61 -20.68 -0.31
C GLY B 105 8.41 -20.11 -1.09
N CYS B 106 8.38 -20.27 -2.41
CA CYS B 106 7.24 -19.87 -3.25
C CYS B 106 6.01 -20.67 -2.88
N SER B 107 4.84 -20.04 -2.99
CA SER B 107 3.59 -20.66 -2.63
C SER B 107 2.48 -20.53 -3.71
N VAL B 108 2.89 -20.16 -4.91
CA VAL B 108 1.98 -20.05 -6.04
C VAL B 108 2.66 -20.57 -7.29
N TRP B 109 1.93 -21.32 -8.09
CA TRP B 109 2.34 -21.74 -9.42
C TRP B 109 1.27 -21.26 -10.40
N GLN B 110 1.65 -20.42 -11.34
CA GLN B 110 0.73 -19.99 -12.38
C GLN B 110 0.99 -20.74 -13.70
N VAL B 111 -0.09 -21.17 -14.33
CA VAL B 111 -0.03 -21.86 -15.62
C VAL B 111 -0.81 -21.03 -16.64
N LEU B 112 -0.60 -21.32 -17.91
CA LEU B 112 -1.46 -20.74 -18.98
C LEU B 112 -2.73 -21.62 -19.09
N PRO B 113 -3.70 -21.24 -19.92
CA PRO B 113 -4.88 -22.11 -20.00
C PRO B 113 -4.49 -23.57 -20.31
N LEU B 114 -5.21 -24.53 -19.72
CA LEU B 114 -4.93 -25.93 -19.90
C LEU B 114 -5.75 -26.60 -20.99
N VAL B 115 -6.48 -25.80 -21.76
CA VAL B 115 -7.33 -26.28 -22.82
C VAL B 115 -6.58 -26.96 -24.01
N PRO B 116 -7.28 -27.76 -24.82
CA PRO B 116 -6.67 -28.30 -26.07
C PRO B 116 -6.26 -27.12 -26.93
N PRO B 117 -4.97 -26.98 -27.24
CA PRO B 117 -4.52 -25.81 -28.01
C PRO B 117 -4.76 -25.96 -29.52
N ASP B 118 -4.47 -24.91 -30.29
CA ASP B 118 -4.54 -25.03 -31.75
C ASP B 118 -3.29 -25.71 -32.31
N GLU B 119 -3.22 -25.85 -33.62
CA GLU B 119 -2.09 -26.59 -34.23
C GLU B 119 -0.74 -25.91 -33.99
N GLY B 120 -0.75 -24.59 -33.80
CA GLY B 120 0.46 -23.82 -33.46
C GLY B 120 0.87 -23.92 -32.00
N GLY B 121 0.07 -24.64 -31.23
CA GLY B 121 0.36 -24.82 -29.80
C GLY B 121 -0.29 -23.79 -28.90
N SER B 122 -1.09 -22.88 -29.42
CA SER B 122 -1.56 -21.75 -28.60
C SER B 122 -2.63 -22.20 -27.57
N PRO B 123 -2.35 -22.01 -26.28
CA PRO B 123 -3.38 -22.13 -25.24
C PRO B 123 -4.52 -21.13 -25.34
N TYR B 124 -4.34 -20.06 -26.12
CA TYR B 124 -5.31 -18.99 -26.24
C TYR B 124 -6.19 -19.15 -27.48
N ALA B 125 -6.01 -20.21 -28.24
CA ALA B 125 -6.92 -20.48 -29.37
C ALA B 125 -7.45 -21.87 -29.13
N GLY B 126 -8.03 -22.05 -27.95
CA GLY B 126 -8.40 -23.37 -27.51
C GLY B 126 -9.55 -23.93 -28.36
N GLN B 127 -9.55 -25.24 -28.51
CA GLN B 127 -10.62 -25.92 -29.25
C GLN B 127 -11.92 -26.07 -28.39
N ASP B 128 -11.79 -25.80 -27.08
CA ASP B 128 -12.85 -25.95 -26.10
C ASP B 128 -12.46 -25.17 -24.86
N ALA B 129 -13.42 -24.58 -24.16
CA ALA B 129 -13.10 -23.76 -23.01
C ALA B 129 -12.91 -24.55 -21.70
N ASN B 130 -13.44 -25.76 -21.65
CA ASN B 130 -13.46 -26.57 -20.41
C ASN B 130 -12.63 -27.84 -20.41
N CYS B 131 -12.43 -28.46 -21.56
CA CYS B 131 -11.56 -29.64 -21.67
C CYS B 131 -10.10 -29.36 -21.36
N GLY B 132 -9.38 -30.41 -21.00
CA GLY B 132 -7.96 -30.35 -20.83
C GLY B 132 -7.23 -30.85 -22.08
N ASN B 133 -6.03 -30.34 -22.25
CA ASN B 133 -5.08 -30.75 -23.28
C ASN B 133 -4.60 -32.17 -22.97
N THR B 134 -5.12 -33.12 -23.72
CA THR B 134 -4.80 -34.54 -23.44
C THR B 134 -3.31 -34.89 -23.70
N LEU B 135 -2.59 -34.06 -24.47
CA LEU B 135 -1.17 -34.28 -24.65
C LEU B 135 -0.33 -34.00 -23.40
N LEU B 136 -0.93 -33.39 -22.38
CA LEU B 136 -0.27 -33.28 -21.08
C LEU B 136 -0.36 -34.54 -20.24
N ILE B 137 -1.16 -35.51 -20.66
CA ILE B 137 -1.26 -36.79 -19.95
C ILE B 137 0.12 -37.48 -19.94
N SER B 138 0.53 -37.92 -18.76
CA SER B 138 1.77 -38.67 -18.57
C SER B 138 1.60 -40.14 -18.85
N LEU B 139 2.40 -40.69 -19.77
CA LEU B 139 2.33 -42.10 -20.06
C LEU B 139 2.82 -42.93 -18.87
N ASP B 140 3.83 -42.44 -18.17
CA ASP B 140 4.36 -43.17 -17.01
C ASP B 140 3.31 -43.28 -15.88
N GLU B 141 2.52 -42.23 -15.68
CA GLU B 141 1.42 -42.29 -14.71
C GLU B 141 0.33 -43.28 -15.15
N LEU B 142 0.08 -43.42 -16.45
CA LEU B 142 -0.86 -44.43 -16.94
C LEU B 142 -0.37 -45.85 -16.64
N VAL B 143 0.94 -46.06 -16.70
CA VAL B 143 1.54 -47.31 -16.29
C VAL B 143 1.26 -47.58 -14.81
N LYS B 144 1.40 -46.55 -13.98
CA LYS B 144 1.10 -46.70 -12.54
C LYS B 144 -0.37 -47.01 -12.26
N ASP B 145 -1.25 -46.55 -13.14
CA ASP B 145 -2.69 -46.85 -13.08
C ASP B 145 -3.05 -48.16 -13.75
N GLY B 146 -2.08 -48.87 -14.34
CA GLY B 146 -2.32 -50.18 -14.91
C GLY B 146 -2.97 -50.18 -16.27
N LEU B 147 -2.98 -49.03 -16.94
CA LEU B 147 -3.61 -48.91 -18.28
C LEU B 147 -2.62 -49.04 -19.43
N LEU B 148 -1.33 -48.85 -19.13
CA LEU B 148 -0.25 -49.22 -20.03
C LEU B 148 0.75 -50.07 -19.29
N ILE B 149 1.51 -50.87 -20.03
CA ILE B 149 2.64 -51.57 -19.45
C ILE B 149 3.95 -50.89 -19.87
N LYS B 150 4.98 -51.01 -19.03
CA LYS B 150 6.23 -50.22 -19.20
C LYS B 150 6.83 -50.48 -20.58
N ASP B 151 6.67 -51.70 -21.04
CA ASP B 151 7.14 -52.15 -22.36
C ASP B 151 6.51 -51.45 -23.56
N GLU B 152 5.36 -50.84 -23.36
CA GLU B 152 4.66 -50.17 -24.45
C GLU B 152 5.14 -48.74 -24.62
N LEU B 153 5.87 -48.22 -23.66
CA LEU B 153 6.32 -46.82 -23.72
C LEU B 153 7.31 -46.63 -24.87
N PRO B 154 7.29 -45.47 -25.53
CA PRO B 154 8.11 -45.29 -26.72
C PRO B 154 9.56 -44.99 -26.39
N GLN B 155 10.42 -45.13 -27.38
CA GLN B 155 11.79 -44.70 -27.25
C GLN B 155 11.76 -43.18 -27.09
N PRO B 156 12.58 -42.64 -26.18
CA PRO B 156 12.68 -41.20 -26.04
C PRO B 156 13.05 -40.46 -27.32
N ILE B 157 12.59 -39.22 -27.45
CA ILE B 157 12.93 -38.38 -28.57
C ILE B 157 13.55 -37.09 -28.09
N ASP B 158 14.46 -36.55 -28.91
CA ASP B 158 15.06 -35.25 -28.68
C ASP B 158 14.02 -34.25 -29.09
N ALA B 159 13.62 -33.38 -28.17
CA ALA B 159 12.75 -32.30 -28.53
C ALA B 159 13.06 -31.10 -27.63
N ASP B 160 14.12 -30.38 -27.96
CA ASP B 160 14.53 -29.26 -27.15
C ASP B 160 13.41 -28.23 -27.08
N SER B 161 12.56 -28.19 -28.09
CA SER B 161 11.34 -27.42 -28.05
C SER B 161 10.15 -28.32 -28.37
N VAL B 162 8.97 -27.91 -27.92
CA VAL B 162 7.75 -28.68 -28.16
C VAL B 162 7.39 -28.57 -29.63
N ASN B 163 7.32 -29.72 -30.30
CA ASN B 163 6.66 -29.80 -31.62
C ASN B 163 5.41 -30.61 -31.40
N TYR B 164 4.27 -29.99 -31.61
CA TYR B 164 3.01 -30.62 -31.29
C TYR B 164 2.69 -31.80 -32.15
N GLN B 165 3.08 -31.71 -33.42
CA GLN B 165 2.77 -32.75 -34.35
C GLN B 165 3.59 -33.99 -33.96
N THR B 166 4.84 -33.82 -33.57
CA THR B 166 5.68 -34.93 -33.11
C THR B 166 5.15 -35.57 -31.81
N ALA B 167 4.79 -34.72 -30.83
CA ALA B 167 4.22 -35.21 -29.56
C ALA B 167 2.92 -35.97 -29.79
N ASN B 168 2.06 -35.42 -30.63
CA ASN B 168 0.81 -36.08 -30.96
C ASN B 168 1.04 -37.48 -31.58
N LYS B 169 1.91 -37.53 -32.58
CA LYS B 169 2.26 -38.82 -33.23
C LYS B 169 2.83 -39.88 -32.25
N LEU B 170 3.64 -39.43 -31.31
CA LEU B 170 4.25 -40.34 -30.35
C LEU B 170 3.27 -40.82 -29.26
N LYS B 171 2.52 -39.88 -28.70
CA LYS B 171 1.75 -40.11 -27.47
C LYS B 171 0.30 -40.51 -27.72
N SER B 172 -0.35 -39.94 -28.73
CA SER B 172 -1.79 -40.17 -28.88
C SER B 172 -2.22 -41.61 -29.05
N PRO B 173 -1.45 -42.44 -29.81
CA PRO B 173 -1.86 -43.83 -29.90
C PRO B 173 -1.86 -44.56 -28.56
N LEU B 174 -0.90 -44.21 -27.69
CA LEU B 174 -0.82 -44.81 -26.38
C LEU B 174 -1.87 -44.28 -25.42
N ILE B 175 -2.19 -42.99 -25.50
CA ILE B 175 -3.28 -42.44 -24.68
C ILE B 175 -4.60 -43.10 -25.11
N THR B 176 -4.78 -43.27 -26.41
CA THR B 176 -5.96 -43.99 -26.92
C THR B 176 -6.04 -45.43 -26.41
N LYS B 177 -4.92 -46.14 -26.46
CA LYS B 177 -4.88 -47.54 -26.01
C LYS B 177 -5.23 -47.62 -24.50
N ALA B 178 -4.71 -46.68 -23.71
CA ALA B 178 -5.02 -46.61 -22.26
C ALA B 178 -6.50 -46.33 -22.02
N ALA B 179 -7.05 -45.39 -22.78
CA ALA B 179 -8.47 -45.04 -22.68
C ALA B 179 -9.37 -46.24 -23.04
N LYS B 180 -8.96 -46.99 -24.05
CA LYS B 180 -9.71 -48.18 -24.49
C LYS B 180 -9.67 -49.24 -23.38
N ARG B 181 -8.50 -49.48 -22.78
CA ARG B 181 -8.42 -50.40 -21.67
C ARG B 181 -9.30 -49.98 -20.51
N LEU B 182 -9.39 -48.68 -20.28
CA LEU B 182 -10.19 -48.15 -19.18
C LEU B 182 -11.70 -48.45 -19.40
N ILE B 183 -12.19 -48.13 -20.59
CA ILE B 183 -13.61 -48.30 -20.90
CA ILE B 183 -13.60 -48.31 -20.96
C ILE B 183 -13.98 -49.80 -20.97
N ASP B 184 -13.06 -50.63 -21.42
CA ASP B 184 -13.32 -52.07 -21.50
C ASP B 184 -13.22 -52.80 -20.18
N GLY B 185 -12.73 -52.14 -19.14
CA GLY B 185 -12.61 -52.79 -17.82
C GLY B 185 -13.85 -52.60 -16.98
N ASN B 186 -13.87 -53.23 -15.80
CA ASN B 186 -15.02 -53.17 -14.89
C ASN B 186 -14.60 -53.09 -13.43
N GLY B 187 -13.56 -52.32 -13.15
CA GLY B 187 -13.02 -52.18 -11.80
C GLY B 187 -13.28 -50.80 -11.20
N GLU B 188 -12.48 -50.46 -10.19
CA GLU B 188 -12.62 -49.19 -9.46
C GLU B 188 -12.48 -48.01 -10.39
N LEU B 189 -11.53 -48.08 -11.32
CA LEU B 189 -11.20 -46.97 -12.20
C LEU B 189 -12.37 -46.75 -13.14
N LYS B 190 -12.92 -47.85 -13.67
CA LYS B 190 -14.12 -47.74 -14.51
C LYS B 190 -15.24 -47.10 -13.71
N SER B 191 -15.37 -47.47 -12.45
CA SER B 191 -16.43 -46.91 -11.61
C SER B 191 -16.24 -45.40 -11.38
N LYS B 192 -14.99 -44.98 -11.20
CA LYS B 192 -14.72 -43.55 -11.08
C LYS B 192 -15.00 -42.80 -12.41
N LEU B 193 -14.72 -43.41 -13.54
CA LEU B 193 -15.04 -42.82 -14.86
C LEU B 193 -16.52 -42.54 -14.95
N LEU B 194 -17.32 -43.53 -14.56
CA LEU B 194 -18.77 -43.39 -14.61
C LEU B 194 -19.26 -42.28 -13.69
N ASP B 195 -18.69 -42.18 -12.48
CA ASP B 195 -19.03 -41.10 -11.55
C ASP B 195 -18.72 -39.72 -12.14
N PHE B 196 -17.56 -39.62 -12.78
CA PHE B 196 -17.11 -38.40 -13.46
C PHE B 196 -18.12 -38.03 -14.58
N ARG B 197 -18.44 -39.01 -15.43
CA ARG B 197 -19.29 -38.82 -16.63
C ARG B 197 -20.71 -38.43 -16.25
N ASN B 198 -21.25 -39.07 -15.21
CA ASN B 198 -22.60 -38.80 -14.72
C ASN B 198 -22.71 -37.68 -13.68
N ASP B 199 -21.60 -37.06 -13.31
CA ASP B 199 -21.60 -35.90 -12.41
C ASP B 199 -22.19 -34.70 -13.17
N PRO B 200 -23.29 -34.08 -12.65
CA PRO B 200 -23.95 -32.99 -13.41
C PRO B 200 -23.04 -31.79 -13.72
N SER B 201 -22.09 -31.48 -12.83
CA SER B 201 -21.14 -30.38 -13.09
C SER B 201 -20.02 -30.74 -14.11
N ILE B 202 -19.93 -32.01 -14.48
CA ILE B 202 -19.04 -32.41 -15.59
C ILE B 202 -19.86 -32.47 -16.83
N SER B 203 -21.00 -33.19 -16.76
CA SER B 203 -21.82 -33.47 -17.91
C SER B 203 -22.36 -32.23 -18.56
N CYS B 204 -22.48 -31.14 -17.81
CA CYS B 204 -23.00 -29.90 -18.39
C CYS B 204 -22.09 -29.27 -19.44
N TRP B 205 -20.83 -29.67 -19.52
CA TRP B 205 -20.00 -29.28 -20.65
C TRP B 205 -19.42 -30.48 -21.41
N LEU B 206 -19.20 -31.60 -20.75
CA LEU B 206 -18.46 -32.70 -21.40
C LEU B 206 -19.22 -33.40 -22.51
N GLU B 207 -20.50 -33.64 -22.34
CA GLU B 207 -21.26 -34.31 -23.39
C GLU B 207 -21.26 -33.45 -24.66
N ASP B 208 -21.51 -32.14 -24.53
CA ASP B 208 -21.47 -31.26 -25.70
C ASP B 208 -20.09 -31.25 -26.34
N ALA B 209 -19.03 -31.19 -25.51
CA ALA B 209 -17.66 -31.23 -26.04
C ALA B 209 -17.36 -32.49 -26.83
N ALA B 210 -17.82 -33.61 -26.32
CA ALA B 210 -17.54 -34.91 -26.94
C ALA B 210 -18.33 -35.06 -28.26
N TYR B 211 -19.59 -34.61 -28.26
CA TYR B 211 -20.41 -34.68 -29.49
C TYR B 211 -19.89 -33.75 -30.52
N PHE B 212 -19.53 -32.53 -30.09
CA PHE B 212 -18.93 -31.57 -31.01
C PHE B 212 -17.67 -32.17 -31.66
N ALA B 213 -16.77 -32.73 -30.85
CA ALA B 213 -15.55 -33.32 -31.37
C ALA B 213 -15.84 -34.50 -32.34
N ALA B 214 -16.79 -35.35 -32.01
CA ALA B 214 -17.12 -36.49 -32.85
C ALA B 214 -17.64 -36.00 -34.21
N ILE B 215 -18.45 -34.95 -34.19
CA ILE B 215 -18.96 -34.42 -35.47
C ILE B 215 -17.84 -33.77 -36.26
N ASP B 216 -16.98 -33.03 -35.57
CA ASP B 216 -15.89 -32.31 -36.23
C ASP B 216 -14.91 -33.35 -36.82
N ASN B 217 -14.77 -34.50 -36.15
CA ASN B 217 -13.87 -35.58 -36.62
C ASN B 217 -14.46 -36.25 -37.88
N THR B 218 -15.78 -36.48 -37.86
CA THR B 218 -16.51 -37.20 -38.90
C THR B 218 -16.76 -36.38 -40.18
N LEU B 219 -16.89 -35.06 -40.01
CA LEU B 219 -17.25 -34.16 -41.10
C LEU B 219 -16.05 -33.46 -41.58
N ASN B 220 -15.92 -33.33 -42.88
CA ASN B 220 -14.89 -32.50 -43.46
C ASN B 220 -15.50 -31.14 -43.76
N ALA B 221 -15.30 -30.21 -42.85
CA ALA B 221 -15.90 -28.86 -42.95
C ALA B 221 -15.03 -27.89 -42.20
N TYR B 222 -15.02 -26.65 -42.68
CA TYR B 222 -14.21 -25.59 -42.07
C TYR B 222 -14.63 -25.30 -40.63
N SER B 223 -15.93 -25.12 -40.44
CA SER B 223 -16.48 -24.82 -39.11
C SER B 223 -17.88 -25.34 -39.05
N TRP B 224 -18.49 -25.26 -37.88
CA TRP B 224 -19.84 -25.76 -37.72
C TRP B 224 -20.88 -24.94 -38.47
N PHE B 225 -20.54 -23.72 -38.86
CA PHE B 225 -21.42 -22.90 -39.70
C PHE B 225 -21.72 -23.64 -41.02
N GLU B 226 -20.78 -24.48 -41.46
CA GLU B 226 -20.93 -25.21 -42.72
C GLU B 226 -21.60 -26.57 -42.57
N TRP B 227 -21.88 -26.99 -41.33
CA TRP B 227 -22.45 -28.30 -41.11
C TRP B 227 -23.88 -28.39 -41.63
N PRO B 228 -24.31 -29.58 -42.00
CA PRO B 228 -25.72 -29.77 -42.38
C PRO B 228 -26.66 -29.39 -41.21
N GLU B 229 -27.79 -28.82 -41.57
CA GLU B 229 -28.69 -28.15 -40.61
C GLU B 229 -28.99 -28.98 -39.33
N PRO B 230 -29.30 -30.29 -39.46
CA PRO B 230 -29.60 -31.07 -38.23
C PRO B 230 -28.45 -31.22 -37.27
N LEU B 231 -27.22 -31.21 -37.80
CA LEU B 231 -26.01 -31.19 -36.96
C LEU B 231 -25.64 -29.80 -36.50
N LYS B 232 -25.64 -28.84 -37.41
CA LYS B 232 -25.43 -27.45 -37.08
C LYS B 232 -26.34 -27.01 -35.92
N ASN B 233 -27.60 -27.40 -35.99
CA ASN B 233 -28.60 -26.98 -35.03
C ASN B 233 -29.03 -28.04 -34.04
N ARG B 234 -28.21 -29.05 -33.89
CA ARG B 234 -28.30 -29.99 -32.77
C ARG B 234 -29.66 -30.66 -32.63
N HIS B 235 -30.20 -31.14 -33.75
CA HIS B 235 -31.49 -31.86 -33.66
C HIS B 235 -31.30 -33.15 -32.87
N LEU B 236 -32.26 -33.48 -32.01
CA LEU B 236 -32.10 -34.58 -31.10
C LEU B 236 -31.81 -35.92 -31.83
N SER B 237 -32.55 -36.19 -32.88
CA SER B 237 -32.38 -37.47 -33.61
C SER B 237 -31.05 -37.49 -34.39
N ALA B 238 -30.56 -36.33 -34.80
CA ALA B 238 -29.21 -36.26 -35.41
C ALA B 238 -28.13 -36.55 -34.40
N LEU B 239 -28.27 -36.02 -33.18
CA LEU B 239 -27.31 -36.29 -32.13
C LEU B 239 -27.37 -37.75 -31.70
N GLU B 240 -28.56 -38.32 -31.61
CA GLU B 240 -28.73 -39.72 -31.36
C GLU B 240 -27.99 -40.57 -32.42
N ALA B 241 -28.15 -40.19 -33.68
CA ALA B 241 -27.49 -40.92 -34.78
C ALA B 241 -25.97 -40.82 -34.67
N ILE B 242 -25.49 -39.68 -34.24
CA ILE B 242 -24.04 -39.48 -34.02
C ILE B 242 -23.55 -40.34 -32.90
N TYR B 243 -24.31 -40.44 -31.82
CA TYR B 243 -23.88 -41.33 -30.78
C TYR B 243 -23.80 -42.79 -31.27
N GLU B 244 -24.77 -43.22 -32.05
CA GLU B 244 -24.75 -44.58 -32.57
C GLU B 244 -23.54 -44.78 -33.51
N SER B 245 -23.28 -43.85 -34.42
CA SER B 245 -22.28 -44.05 -35.46
C SER B 245 -20.85 -43.70 -34.99
N GLN B 246 -20.71 -42.90 -33.93
CA GLN B 246 -19.40 -42.49 -33.42
C GLN B 246 -19.23 -42.87 -31.96
N LYS B 247 -19.94 -43.90 -31.54
CA LYS B 247 -19.95 -44.27 -30.12
C LYS B 247 -18.53 -44.44 -29.57
N GLU B 248 -17.68 -45.17 -30.32
CA GLU B 248 -16.34 -45.41 -29.85
C GLU B 248 -15.54 -44.10 -29.67
N PHE B 249 -15.63 -43.21 -30.65
CA PHE B 249 -14.97 -41.92 -30.55
C PHE B 249 -15.41 -41.17 -29.29
N ILE B 250 -16.73 -41.12 -29.09
CA ILE B 250 -17.31 -40.35 -27.97
C ILE B 250 -16.89 -40.89 -26.60
N ASP B 251 -16.97 -42.22 -26.45
CA ASP B 251 -16.56 -42.86 -25.20
C ASP B 251 -15.06 -42.65 -24.93
N LEU B 252 -14.22 -42.73 -25.96
CA LEU B 252 -12.78 -42.53 -25.81
C LEU B 252 -12.48 -41.07 -25.47
N PHE B 253 -13.17 -40.14 -26.12
CA PHE B 253 -12.98 -38.71 -25.82
C PHE B 253 -13.24 -38.41 -24.33
N ILE B 254 -14.37 -38.95 -23.85
CA ILE B 254 -14.78 -38.79 -22.46
C ILE B 254 -13.77 -39.45 -21.51
N ALA B 255 -13.34 -40.68 -21.82
CA ALA B 255 -12.30 -41.35 -21.05
C ALA B 255 -11.00 -40.55 -21.01
N LYS B 256 -10.62 -39.94 -22.13
CA LYS B 256 -9.41 -39.12 -22.13
C LYS B 256 -9.53 -37.88 -21.28
N GLN B 257 -10.69 -37.24 -21.27
CA GLN B 257 -10.97 -36.16 -20.34
C GLN B 257 -10.93 -36.59 -18.86
N PHE B 258 -11.42 -37.80 -18.60
CA PHE B 258 -11.29 -38.37 -17.28
C PHE B 258 -9.82 -38.55 -16.89
N LEU B 259 -9.02 -39.07 -17.81
CA LEU B 259 -7.62 -39.31 -17.49
C LEU B 259 -6.90 -38.01 -17.23
N PHE B 260 -7.21 -37.00 -18.05
CA PHE B 260 -6.65 -35.65 -17.82
C PHE B 260 -7.04 -35.15 -16.41
N GLN B 261 -8.32 -35.25 -16.09
CA GLN B 261 -8.86 -34.78 -14.80
C GLN B 261 -8.18 -35.47 -13.65
N ARG B 262 -8.05 -36.79 -13.75
CA ARG B 262 -7.39 -37.53 -12.69
C ARG B 262 -5.93 -37.10 -12.45
N GLN B 263 -5.15 -36.99 -13.53
CA GLN B 263 -3.76 -36.59 -13.43
C GLN B 263 -3.64 -35.13 -12.97
N TRP B 264 -4.49 -34.24 -13.49
CA TRP B 264 -4.41 -32.84 -13.05
C TRP B 264 -4.78 -32.73 -11.58
N GLN B 265 -5.81 -33.45 -11.16
CA GLN B 265 -6.22 -33.40 -9.78
C GLN B 265 -5.15 -33.92 -8.84
N LYS B 266 -4.39 -34.92 -9.29
CA LYS B 266 -3.29 -35.41 -8.47
C LYS B 266 -2.20 -34.34 -8.34
N VAL B 267 -1.94 -33.62 -9.42
CA VAL B 267 -0.98 -32.55 -9.38
C VAL B 267 -1.45 -31.45 -8.45
N ARG B 268 -2.73 -31.11 -8.52
CA ARG B 268 -3.27 -30.03 -7.70
C ARG B 268 -3.22 -30.39 -6.23
N GLU B 269 -3.55 -31.63 -5.91
CA GLU B 269 -3.46 -32.11 -4.54
C GLU B 269 -2.03 -32.11 -4.01
N TYR B 270 -1.09 -32.49 -4.88
CA TYR B 270 0.29 -32.52 -4.51
C TYR B 270 0.79 -31.10 -4.20
N ALA B 271 0.40 -30.15 -5.04
CA ALA B 271 0.71 -28.73 -4.78
C ALA B 271 0.13 -28.29 -3.43
N ARG B 272 -1.14 -28.58 -3.15
CA ARG B 272 -1.75 -28.28 -1.87
C ARG B 272 -0.95 -28.87 -0.72
N ARG B 273 -0.56 -30.14 -0.88
CA ARG B 273 0.25 -30.84 0.16
C ARG B 273 1.56 -30.15 0.44
N GLN B 274 2.17 -29.59 -0.58
CA GLN B 274 3.42 -28.82 -0.42
C GLN B 274 3.24 -27.30 -0.25
N GLY B 275 2.04 -26.84 0.07
CA GLY B 275 1.77 -25.42 0.41
C GLY B 275 1.85 -24.53 -0.83
N VAL B 276 1.46 -25.06 -1.99
CA VAL B 276 1.44 -24.31 -3.26
C VAL B 276 0.03 -24.21 -3.82
N ASP B 277 -0.45 -22.98 -4.01
CA ASP B 277 -1.69 -22.72 -4.72
C ASP B 277 -1.45 -22.69 -6.22
N ILE B 278 -2.40 -23.17 -7.02
CA ILE B 278 -2.28 -23.08 -8.48
C ILE B 278 -3.22 -22.02 -9.02
N MET B 279 -2.67 -21.09 -9.82
CA MET B 279 -3.41 -20.03 -10.49
C MET B 279 -3.51 -20.35 -11.96
N GLY B 280 -4.73 -20.54 -12.47
CA GLY B 280 -5.00 -20.79 -13.84
C GLY B 280 -5.26 -19.49 -14.60
N ASP B 281 -5.69 -19.66 -15.84
CA ASP B 281 -5.88 -18.58 -16.75
C ASP B 281 -7.09 -18.85 -17.64
N MET B 282 -8.00 -17.90 -17.65
CA MET B 282 -9.25 -18.03 -18.38
C MET B 282 -9.41 -16.82 -19.27
N PRO B 283 -9.29 -17.00 -20.59
CA PRO B 283 -9.57 -15.85 -21.48
C PRO B 283 -11.04 -15.49 -21.43
N ILE B 284 -11.35 -14.20 -21.43
CA ILE B 284 -12.75 -13.80 -21.33
C ILE B 284 -13.58 -14.40 -22.48
N TYR B 285 -13.05 -14.41 -23.71
CA TYR B 285 -13.80 -14.89 -24.87
C TYR B 285 -13.38 -16.31 -25.25
N VAL B 286 -14.30 -16.97 -25.95
CA VAL B 286 -14.09 -18.33 -26.46
C VAL B 286 -14.15 -18.29 -28.00
N GLY B 287 -13.58 -19.29 -28.68
CA GLY B 287 -13.58 -19.33 -30.13
C GLY B 287 -14.91 -19.77 -30.72
N TYR B 288 -15.17 -19.35 -31.95
CA TYR B 288 -16.41 -19.66 -32.64
C TYR B 288 -16.62 -21.15 -32.86
N HIS B 289 -15.58 -21.79 -33.38
CA HIS B 289 -15.66 -23.21 -33.69
C HIS B 289 -15.33 -24.02 -32.44
N SER B 290 -16.32 -24.16 -31.59
CA SER B 290 -16.18 -24.81 -30.27
C SER B 290 -17.55 -25.25 -29.82
N ALA B 291 -17.59 -26.28 -28.97
CA ALA B 291 -18.83 -26.71 -28.35
C ALA B 291 -19.43 -25.56 -27.52
N ASP B 292 -18.57 -24.72 -26.97
CA ASP B 292 -19.03 -23.60 -26.13
C ASP B 292 -20.00 -22.70 -26.83
N VAL B 293 -19.76 -22.44 -28.12
CA VAL B 293 -20.65 -21.63 -28.91
C VAL B 293 -21.78 -22.47 -29.54
N TRP B 294 -21.39 -23.56 -30.19
CA TRP B 294 -22.34 -24.37 -30.92
C TRP B 294 -23.47 -24.89 -30.05
N ALA B 295 -23.15 -25.29 -28.85
CA ALA B 295 -24.14 -25.83 -27.96
C ALA B 295 -24.87 -24.75 -27.14
N ASN B 296 -24.48 -23.48 -27.30
CA ASN B 296 -25.05 -22.38 -26.52
C ASN B 296 -25.29 -21.14 -27.37
N LYS B 297 -25.90 -21.33 -28.52
CA LYS B 297 -25.97 -20.29 -29.55
C LYS B 297 -26.68 -19.02 -29.06
N LYS B 298 -27.72 -19.20 -28.26
CA LYS B 298 -28.55 -18.08 -27.77
C LYS B 298 -27.78 -17.16 -26.86
N HIS B 299 -26.67 -17.67 -26.31
CA HIS B 299 -25.87 -16.93 -25.35
C HIS B 299 -24.84 -16.03 -26.03
N PHE B 300 -24.76 -16.10 -27.36
CA PHE B 300 -23.84 -15.30 -28.16
C PHE B 300 -24.58 -14.43 -29.15
N LEU B 301 -23.89 -13.41 -29.66
CA LEU B 301 -24.45 -12.48 -30.65
C LEU B 301 -24.28 -13.05 -32.06
N LEU B 302 -25.20 -13.96 -32.42
CA LEU B 302 -25.20 -14.60 -33.71
C LEU B 302 -26.46 -14.20 -34.47
N ASN B 303 -26.41 -14.25 -35.80
CA ASN B 303 -27.59 -14.01 -36.61
C ASN B 303 -28.42 -15.29 -36.69
N LYS B 304 -29.53 -15.26 -37.43
CA LYS B 304 -30.39 -16.46 -37.51
C LYS B 304 -29.72 -17.67 -38.14
N LYS B 305 -28.68 -17.46 -38.94
CA LYS B 305 -27.95 -18.56 -39.55
C LYS B 305 -26.80 -19.05 -38.67
N GLY B 306 -26.67 -18.47 -37.47
CA GLY B 306 -25.57 -18.83 -36.57
C GLY B 306 -24.23 -18.16 -36.86
N PHE B 307 -24.23 -17.12 -37.71
CA PHE B 307 -22.99 -16.38 -38.02
C PHE B 307 -22.85 -15.18 -37.09
N PRO B 308 -21.63 -14.92 -36.57
CA PRO B 308 -21.54 -13.80 -35.64
C PRO B 308 -21.95 -12.48 -36.26
N LEU B 309 -22.71 -11.70 -35.51
CA LEU B 309 -23.07 -10.35 -35.90
C LEU B 309 -21.94 -9.38 -35.68
N LEU B 310 -21.27 -9.53 -34.53
CA LEU B 310 -20.16 -8.65 -34.11
C LEU B 310 -19.07 -9.52 -33.53
N VAL B 311 -17.82 -9.09 -33.66
CA VAL B 311 -16.71 -9.86 -33.12
C VAL B 311 -15.79 -9.02 -32.23
N SER B 312 -14.90 -9.70 -31.50
CA SER B 312 -14.08 -9.05 -30.51
C SER B 312 -12.83 -8.42 -31.10
N GLY B 313 -12.29 -7.50 -30.31
CA GLY B 313 -11.10 -6.76 -30.65
C GLY B 313 -10.92 -5.60 -29.70
N VAL B 314 -9.92 -4.77 -29.97
CA VAL B 314 -9.74 -3.51 -29.27
C VAL B 314 -9.39 -2.42 -30.30
N PRO B 315 -9.79 -1.18 -30.02
CA PRO B 315 -9.52 -0.09 -30.98
C PRO B 315 -8.05 0.40 -30.92
N PRO B 316 -7.62 1.24 -31.88
CA PRO B 316 -6.30 1.92 -31.78
C PRO B 316 -6.12 2.76 -30.52
N THR B 322 -3.44 0.76 -34.77
CA THR B 322 -4.50 0.14 -35.55
C THR B 322 -5.43 -0.74 -34.71
N GLY B 323 -5.16 -0.87 -33.41
CA GLY B 323 -5.95 -1.76 -32.56
C GLY B 323 -5.74 -3.21 -32.96
N GLN B 324 -6.64 -4.08 -32.54
CA GLN B 324 -6.50 -5.51 -32.81
C GLN B 324 -7.85 -6.14 -33.10
N LEU B 325 -7.91 -6.92 -34.17
CA LEU B 325 -9.13 -7.66 -34.50
C LEU B 325 -8.90 -9.09 -34.09
N TRP B 326 -9.45 -9.49 -32.95
CA TRP B 326 -9.28 -10.85 -32.48
C TRP B 326 -10.25 -11.78 -33.17
N GLY B 327 -11.48 -11.35 -33.36
CA GLY B 327 -12.43 -12.04 -34.24
C GLY B 327 -13.25 -13.13 -33.57
N SER B 328 -13.24 -13.18 -32.24
CA SER B 328 -14.12 -14.05 -31.45
C SER B 328 -15.55 -13.58 -31.44
N PRO B 329 -16.48 -14.51 -31.33
CA PRO B 329 -17.85 -14.08 -31.09
C PRO B 329 -17.98 -13.41 -29.75
N LEU B 330 -19.05 -12.64 -29.60
CA LEU B 330 -19.28 -11.86 -28.40
C LEU B 330 -20.46 -12.43 -27.68
N TYR B 331 -20.46 -12.27 -26.36
CA TYR B 331 -21.58 -12.70 -25.55
C TYR B 331 -22.80 -11.82 -25.73
N ASP B 332 -23.97 -12.46 -25.77
CA ASP B 332 -25.25 -11.80 -25.66
C ASP B 332 -25.59 -11.68 -24.17
N TRP B 333 -25.09 -10.61 -23.56
CA TRP B 333 -25.21 -10.45 -22.12
C TRP B 333 -26.66 -10.30 -21.64
N LYS B 334 -27.53 -9.67 -22.45
CA LYS B 334 -28.93 -9.53 -22.09
C LYS B 334 -29.61 -10.89 -22.03
N ALA B 335 -29.37 -11.72 -23.06
CA ALA B 335 -29.85 -13.09 -23.07
C ALA B 335 -29.32 -13.92 -21.90
N MET B 336 -28.05 -13.77 -21.60
CA MET B 336 -27.49 -14.45 -20.43
C MET B 336 -28.18 -14.07 -19.12
N GLU B 337 -28.50 -12.79 -18.95
CA GLU B 337 -29.22 -12.34 -17.76
C GLU B 337 -30.46 -13.19 -17.49
N SER B 338 -31.19 -13.51 -18.55
CA SER B 338 -32.45 -14.23 -18.48
C SER B 338 -32.38 -15.64 -17.89
N ASP B 339 -31.20 -16.25 -17.85
CA ASP B 339 -31.08 -17.52 -17.11
C ASP B 339 -30.01 -17.38 -16.01
N GLN B 340 -29.92 -16.17 -15.46
CA GLN B 340 -29.03 -15.87 -14.33
C GLN B 340 -27.57 -16.25 -14.66
N TYR B 341 -27.18 -15.93 -15.89
CA TYR B 341 -25.82 -16.14 -16.39
C TYR B 341 -25.31 -17.58 -16.20
N SER B 342 -26.15 -18.59 -16.49
CA SER B 342 -25.78 -19.98 -16.21
C SER B 342 -24.49 -20.44 -16.94
N TRP B 343 -24.27 -19.96 -18.17
CA TRP B 343 -23.10 -20.36 -18.94
C TRP B 343 -21.79 -19.93 -18.26
N TRP B 344 -21.76 -18.67 -17.83
CA TRP B 344 -20.61 -18.15 -17.09
C TRP B 344 -20.48 -18.79 -15.72
N VAL B 345 -21.59 -19.01 -15.03
CA VAL B 345 -21.53 -19.72 -13.75
C VAL B 345 -20.89 -21.10 -13.91
N ASN B 346 -21.35 -21.86 -14.91
CA ASN B 346 -20.76 -23.16 -15.21
C ASN B 346 -19.26 -23.06 -15.56
N ARG B 347 -18.87 -22.02 -16.28
CA ARG B 347 -17.46 -21.87 -16.63
C ARG B 347 -16.61 -21.68 -15.40
N ILE B 348 -17.10 -20.84 -14.49
CA ILE B 348 -16.42 -20.58 -13.22
C ILE B 348 -16.35 -21.83 -12.33
N ARG B 349 -17.40 -22.63 -12.33
CA ARG B 349 -17.41 -23.86 -11.58
C ARG B 349 -16.32 -24.81 -12.10
N ARG B 350 -16.14 -24.83 -13.40
CA ARG B 350 -15.04 -25.64 -14.00
C ARG B 350 -13.69 -25.03 -13.59
N ALA B 351 -13.55 -23.70 -13.64
CA ALA B 351 -12.31 -23.08 -13.17
C ALA B 351 -12.00 -23.39 -11.70
N GLN B 352 -13.04 -23.43 -10.87
CA GLN B 352 -12.84 -23.81 -9.48
C GLN B 352 -12.39 -25.25 -9.32
N ASP B 353 -12.90 -26.11 -10.18
CA ASP B 353 -12.54 -27.53 -10.19
C ASP B 353 -11.04 -27.71 -10.53
N LEU B 354 -10.50 -26.86 -11.38
CA LEU B 354 -9.10 -26.99 -11.82
C LEU B 354 -8.08 -26.20 -11.03
N TYR B 355 -8.46 -25.03 -10.52
CA TYR B 355 -7.49 -24.09 -9.97
C TYR B 355 -7.94 -23.49 -8.65
N ASP B 356 -6.96 -23.11 -7.81
CA ASP B 356 -7.22 -22.35 -6.60
C ASP B 356 -7.67 -20.94 -6.90
N GLU B 357 -7.11 -20.34 -7.96
CA GLU B 357 -7.34 -18.94 -8.30
C GLU B 357 -7.21 -18.84 -9.81
N CYS B 358 -7.75 -17.81 -10.42
CA CYS B 358 -7.77 -17.74 -11.88
C CYS B 358 -7.62 -16.31 -12.35
N ARG B 359 -6.66 -16.07 -13.23
CA ARG B 359 -6.54 -14.83 -13.99
C ARG B 359 -7.57 -14.82 -15.12
N ILE B 360 -8.27 -13.69 -15.33
CA ILE B 360 -9.14 -13.57 -16.50
C ILE B 360 -8.55 -12.54 -17.41
N ASP B 361 -8.20 -12.97 -18.61
CA ASP B 361 -7.63 -12.07 -19.61
C ASP B 361 -8.68 -11.15 -20.15
N HIS B 362 -8.32 -9.88 -20.28
CA HIS B 362 -9.22 -8.84 -20.80
C HIS B 362 -10.45 -8.72 -19.91
N PHE B 363 -10.19 -8.70 -18.60
CA PHE B 363 -11.22 -8.47 -17.59
C PHE B 363 -12.04 -7.20 -17.89
N ARG B 364 -11.43 -6.22 -18.54
CA ARG B 364 -12.13 -4.98 -18.88
C ARG B 364 -13.41 -5.20 -19.69
N GLY B 365 -13.48 -6.31 -20.43
CA GLY B 365 -14.66 -6.66 -21.22
C GLY B 365 -15.94 -6.87 -20.41
N PHE B 366 -15.81 -7.11 -19.11
CA PHE B 366 -16.96 -7.24 -18.24
C PHE B 366 -17.59 -5.88 -17.95
N ALA B 367 -16.82 -4.79 -18.06
CA ALA B 367 -17.36 -3.43 -17.88
C ALA B 367 -17.79 -2.80 -19.20
N GLY B 368 -16.93 -2.92 -20.21
CA GLY B 368 -17.20 -2.37 -21.55
C GLY B 368 -16.40 -3.19 -22.55
N PHE B 369 -16.95 -3.44 -23.73
CA PHE B 369 -16.28 -4.24 -24.73
C PHE B 369 -16.40 -3.64 -26.12
N TRP B 370 -15.33 -3.80 -26.90
CA TRP B 370 -15.27 -3.30 -28.26
C TRP B 370 -15.88 -4.36 -29.19
N ALA B 371 -16.79 -3.92 -30.05
CA ALA B 371 -17.53 -4.80 -30.94
C ALA B 371 -17.36 -4.34 -32.38
N VAL B 372 -16.84 -5.24 -33.21
CA VAL B 372 -16.52 -4.97 -34.60
C VAL B 372 -17.53 -5.73 -35.51
N PRO B 373 -18.15 -5.02 -36.47
CA PRO B 373 -18.91 -5.77 -37.48
C PRO B 373 -18.13 -6.99 -38.05
N SER B 374 -18.80 -8.14 -38.10
CA SER B 374 -18.10 -9.39 -38.41
C SER B 374 -17.54 -9.46 -39.83
N GLU B 375 -18.00 -8.59 -40.72
CA GLU B 375 -17.50 -8.55 -42.09
C GLU B 375 -16.21 -7.73 -42.23
N ALA B 376 -15.79 -7.06 -41.16
CA ALA B 376 -14.65 -6.12 -41.21
C ALA B 376 -13.27 -6.83 -41.28
N LYS B 377 -12.32 -6.20 -41.95
CA LYS B 377 -10.94 -6.70 -42.04
C LYS B 377 -10.04 -5.99 -41.03
N VAL B 378 -10.58 -5.02 -40.29
CA VAL B 378 -9.80 -4.31 -39.27
C VAL B 378 -10.64 -3.84 -38.10
N ALA B 379 -9.92 -3.56 -37.02
CA ALA B 379 -10.52 -3.21 -35.74
C ALA B 379 -11.08 -1.79 -35.60
N MET B 380 -10.51 -0.83 -36.31
CA MET B 380 -10.79 0.57 -36.03
C MET B 380 -12.24 0.96 -36.25
N VAL B 381 -12.98 0.16 -37.03
CA VAL B 381 -14.39 0.40 -37.28
C VAL B 381 -15.19 -0.53 -36.37
N GLY B 382 -15.43 -0.10 -35.13
CA GLY B 382 -16.23 -0.85 -34.15
C GLY B 382 -16.88 0.19 -33.26
N ARG B 383 -17.49 -0.26 -32.18
CA ARG B 383 -18.17 0.57 -31.18
C ARG B 383 -17.96 -0.06 -29.79
N TRP B 384 -17.89 0.76 -28.74
CA TRP B 384 -17.84 0.26 -27.36
C TRP B 384 -19.23 -0.03 -26.84
N LYS B 385 -19.41 -1.21 -26.24
CA LYS B 385 -20.69 -1.66 -25.74
C LYS B 385 -20.63 -1.85 -24.24
N VAL B 386 -21.78 -1.65 -23.60
CA VAL B 386 -21.87 -1.82 -22.14
C VAL B 386 -21.83 -3.30 -21.72
N GLY B 387 -20.89 -3.63 -20.82
CA GLY B 387 -20.79 -4.99 -20.29
C GLY B 387 -21.74 -5.20 -19.10
N PRO B 388 -21.82 -6.44 -18.59
CA PRO B 388 -22.74 -6.81 -17.50
C PRO B 388 -22.45 -6.24 -16.13
N GLY B 389 -21.19 -5.87 -15.90
CA GLY B 389 -20.80 -5.34 -14.60
C GLY B 389 -20.96 -6.30 -13.44
N LYS B 390 -21.23 -5.74 -12.26
CA LYS B 390 -21.25 -6.51 -11.05
C LYS B 390 -22.42 -7.53 -10.98
N SER B 391 -23.49 -7.33 -11.73
CA SER B 391 -24.60 -8.29 -11.68
C SER B 391 -24.11 -9.71 -12.11
N LEU B 392 -23.15 -9.78 -13.04
CA LEU B 392 -22.52 -11.07 -13.40
C LEU B 392 -21.86 -11.72 -12.20
N PHE B 393 -21.03 -10.95 -11.51
CA PHE B 393 -20.34 -11.47 -10.32
C PHE B 393 -21.25 -11.79 -9.17
N ASP B 394 -22.32 -11.02 -9.01
CA ASP B 394 -23.36 -11.38 -8.04
C ASP B 394 -23.97 -12.76 -8.34
N ALA B 395 -24.28 -13.01 -9.60
CA ALA B 395 -24.83 -14.30 -10.01
C ALA B 395 -23.83 -15.43 -9.78
N ILE B 396 -22.56 -15.17 -10.07
CA ILE B 396 -21.53 -16.16 -9.82
C ILE B 396 -21.47 -16.47 -8.33
N SER B 397 -21.51 -15.44 -7.50
CA SER B 397 -21.44 -15.63 -6.05
C SER B 397 -22.59 -16.48 -5.56
N LYS B 398 -23.80 -16.14 -6.02
CA LYS B 398 -24.99 -16.89 -5.65
C LYS B 398 -24.82 -18.35 -6.09
N GLY B 399 -24.30 -18.55 -7.29
CA GLY B 399 -24.19 -19.91 -7.84
C GLY B 399 -23.06 -20.78 -7.30
N VAL B 400 -21.95 -20.16 -6.95
CA VAL B 400 -20.70 -20.87 -6.75
C VAL B 400 -20.00 -20.52 -5.41
N GLY B 401 -20.43 -19.43 -4.77
CA GLY B 401 -19.78 -18.97 -3.55
C GLY B 401 -18.56 -18.14 -3.86
N LYS B 402 -17.61 -18.15 -2.93
CA LYS B 402 -16.41 -17.31 -3.01
C LYS B 402 -15.55 -17.72 -4.20
N ILE B 403 -15.08 -16.75 -4.96
CA ILE B 403 -14.13 -17.03 -6.04
C ILE B 403 -12.85 -16.19 -5.80
N LYS B 404 -11.74 -16.61 -6.42
CA LYS B 404 -10.47 -15.88 -6.36
C LYS B 404 -10.01 -15.61 -7.77
N ILE B 405 -10.33 -14.43 -8.25
CA ILE B 405 -10.04 -13.98 -9.60
C ILE B 405 -8.96 -12.92 -9.57
N ILE B 406 -8.10 -12.94 -10.59
CA ILE B 406 -7.12 -11.92 -10.83
C ILE B 406 -7.51 -11.24 -12.12
N ALA B 407 -7.69 -9.91 -12.08
CA ALA B 407 -8.07 -9.15 -13.27
C ALA B 407 -6.84 -8.78 -14.09
N GLU B 408 -6.77 -9.28 -15.32
CA GLU B 408 -5.78 -8.72 -16.25
C GLU B 408 -6.38 -7.39 -16.71
N ASP B 409 -5.73 -6.32 -16.28
CA ASP B 409 -6.25 -4.96 -16.44
C ASP B 409 -5.18 -4.01 -17.02
N LEU B 410 -4.34 -4.53 -17.91
CA LEU B 410 -3.24 -3.76 -18.46
C LEU B 410 -3.74 -2.78 -19.56
N GLY B 411 -2.94 -1.76 -19.83
CA GLY B 411 -3.23 -0.85 -20.93
C GLY B 411 -4.19 0.22 -20.52
N VAL B 412 -4.66 0.98 -21.51
CA VAL B 412 -5.52 2.11 -21.24
C VAL B 412 -6.88 1.52 -20.89
N ILE B 413 -7.30 1.73 -19.64
CA ILE B 413 -8.59 1.27 -19.18
C ILE B 413 -9.34 2.47 -18.61
N THR B 414 -10.65 2.32 -18.58
CA THR B 414 -11.57 3.39 -18.22
C THR B 414 -11.99 3.24 -16.76
N LYS B 415 -12.57 4.32 -16.22
CA LYS B 415 -12.91 4.40 -14.79
C LYS B 415 -13.85 3.29 -14.36
N ASP B 416 -14.75 2.89 -15.25
CA ASP B 416 -15.69 1.79 -14.96
C ASP B 416 -15.00 0.44 -14.75
N VAL B 417 -13.86 0.23 -15.41
CA VAL B 417 -13.10 -1.00 -15.23
C VAL B 417 -12.53 -1.07 -13.82
N VAL B 418 -11.92 0.03 -13.40
CA VAL B 418 -11.31 0.13 -12.07
C VAL B 418 -12.39 -0.06 -10.99
N GLU B 419 -13.52 0.63 -11.15
CA GLU B 419 -14.60 0.53 -10.16
C GLU B 419 -15.16 -0.88 -10.05
N LEU B 420 -15.36 -1.55 -11.19
CA LEU B 420 -15.83 -2.93 -11.16
C LEU B 420 -14.83 -3.82 -10.44
N ARG B 421 -13.56 -3.73 -10.81
CA ARG B 421 -12.53 -4.58 -10.20
C ARG B 421 -12.55 -4.40 -8.68
N LYS B 422 -12.58 -3.17 -8.24
CA LYS B 422 -12.61 -2.88 -6.81
C LYS B 422 -13.86 -3.33 -6.11
N SER B 423 -15.00 -3.18 -6.78
CA SER B 423 -16.27 -3.61 -6.20
C SER B 423 -16.31 -5.12 -5.88
N ILE B 424 -15.60 -5.93 -6.66
CA ILE B 424 -15.53 -7.36 -6.37
C ILE B 424 -14.28 -7.79 -5.59
N GLY B 425 -13.41 -6.84 -5.30
CA GLY B 425 -12.20 -7.11 -4.49
C GLY B 425 -11.09 -7.83 -5.24
N ALA B 426 -11.10 -7.81 -6.56
CA ALA B 426 -10.11 -8.55 -7.32
C ALA B 426 -8.81 -7.73 -7.43
N PRO B 427 -7.64 -8.38 -7.34
CA PRO B 427 -6.38 -7.66 -7.61
C PRO B 427 -6.24 -7.48 -9.09
N GLY B 428 -5.62 -6.39 -9.50
CA GLY B 428 -5.11 -6.21 -10.85
C GLY B 428 -3.63 -6.56 -10.95
N MET B 429 -3.00 -6.13 -12.05
CA MET B 429 -1.62 -6.53 -12.34
C MET B 429 -0.72 -5.32 -12.39
N ALA B 430 0.53 -5.52 -12.01
CA ALA B 430 1.61 -4.59 -12.36
C ALA B 430 2.65 -5.45 -13.11
N VAL B 431 3.32 -4.89 -14.12
CA VAL B 431 4.31 -5.60 -14.90
C VAL B 431 5.57 -4.70 -15.00
N LEU B 432 6.66 -5.10 -14.37
CA LEU B 432 7.83 -4.21 -14.28
C LEU B 432 8.45 -3.83 -15.61
N GLN B 433 8.39 -4.72 -16.59
CA GLN B 433 8.88 -4.38 -17.95
C GLN B 433 8.21 -3.16 -18.56
N PHE B 434 7.07 -2.76 -18.03
CA PHE B 434 6.33 -1.61 -18.53
C PHE B 434 6.58 -0.34 -17.71
N ALA B 435 7.43 -0.41 -16.70
CA ALA B 435 7.50 0.67 -15.66
C ALA B 435 8.35 1.88 -16.04
N PHE B 436 9.16 1.78 -17.10
CA PHE B 436 10.21 2.77 -17.36
C PHE B 436 10.00 3.71 -18.52
N GLY B 437 8.83 3.61 -19.15
CA GLY B 437 8.36 4.64 -20.06
C GLY B 437 7.53 5.68 -19.30
N GLY B 438 7.43 6.86 -19.87
CA GLY B 438 6.75 7.98 -19.24
C GLY B 438 7.42 8.37 -17.93
N GLY B 439 6.64 8.99 -17.06
CA GLY B 439 7.18 9.61 -15.86
C GLY B 439 6.90 8.78 -14.62
N ALA B 440 7.01 9.42 -13.48
CA ALA B 440 6.97 8.74 -12.19
C ALA B 440 5.56 8.34 -11.76
N ASP B 441 4.55 8.76 -12.52
CA ASP B 441 3.17 8.29 -12.32
C ASP B 441 2.83 6.95 -13.03
N ASN B 442 3.77 6.38 -13.77
CA ASN B 442 3.54 5.07 -14.37
C ASN B 442 3.15 4.05 -13.26
N PRO B 443 1.97 3.40 -13.37
CA PRO B 443 1.46 2.49 -12.34
C PRO B 443 2.25 1.23 -12.12
N HIS B 444 3.17 0.94 -13.04
CA HIS B 444 4.01 -0.25 -12.93
C HIS B 444 5.26 0.00 -12.12
N LEU B 445 5.57 1.26 -11.82
CA LEU B 445 6.67 1.55 -10.90
C LEU B 445 6.32 1.10 -9.45
N PRO B 446 7.27 0.46 -8.77
CA PRO B 446 7.01 -0.08 -7.42
C PRO B 446 6.37 0.89 -6.44
N HIS B 447 6.79 2.15 -6.46
CA HIS B 447 6.19 3.10 -5.53
C HIS B 447 4.72 3.36 -5.78
N ASN B 448 4.21 2.98 -6.96
CA ASN B 448 2.80 3.12 -7.28
C ASN B 448 2.01 1.84 -7.14
N HIS B 449 2.67 0.75 -6.74
CA HIS B 449 1.95 -0.53 -6.61
C HIS B 449 0.98 -0.46 -5.45
N GLU B 450 0.01 -1.37 -5.50
CA GLU B 450 -1.04 -1.48 -4.49
C GLU B 450 -0.87 -2.82 -3.79
N VAL B 451 -1.42 -2.96 -2.58
CA VAL B 451 -1.29 -4.21 -1.87
C VAL B 451 -2.09 -5.32 -2.58
N ASN B 452 -3.34 -5.05 -2.93
CA ASN B 452 -4.20 -6.02 -3.60
C ASN B 452 -3.93 -6.01 -5.10
N GLN B 453 -2.83 -6.66 -5.44
CA GLN B 453 -2.26 -6.61 -6.77
C GLN B 453 -1.31 -7.76 -6.95
N VAL B 454 -1.10 -8.18 -8.19
CA VAL B 454 -0.12 -9.19 -8.52
C VAL B 454 0.93 -8.49 -9.37
N VAL B 455 2.19 -8.52 -8.93
CA VAL B 455 3.29 -7.94 -9.67
C VAL B 455 4.06 -9.03 -10.41
N TYR B 456 4.32 -8.77 -11.68
CA TYR B 456 5.13 -9.66 -12.53
C TYR B 456 6.40 -8.94 -12.98
N SER B 457 7.49 -9.68 -13.20
CA SER B 457 8.60 -9.14 -14.00
C SER B 457 8.14 -8.95 -15.42
N GLY B 458 7.43 -9.94 -15.94
CA GLY B 458 6.84 -9.94 -17.27
C GLY B 458 5.88 -11.11 -17.34
N THR B 459 5.10 -11.17 -18.42
CA THR B 459 4.22 -12.31 -18.69
C THR B 459 4.72 -13.15 -19.87
N HIS B 460 3.95 -14.20 -20.20
CA HIS B 460 4.25 -15.04 -21.34
C HIS B 460 4.23 -14.26 -22.67
N ASP B 461 3.60 -13.09 -22.69
CA ASP B 461 3.53 -12.28 -23.93
C ASP B 461 4.75 -11.34 -24.08
N ASN B 462 5.55 -11.25 -23.04
CA ASN B 462 6.75 -10.39 -23.02
C ASN B 462 8.00 -11.23 -23.31
N ASP B 463 9.05 -10.57 -23.73
CA ASP B 463 10.35 -11.20 -23.78
C ASP B 463 10.80 -11.49 -22.34
N THR B 464 11.85 -12.28 -22.23
CA THR B 464 12.48 -12.49 -20.92
C THR B 464 13.11 -11.17 -20.50
N ILE B 465 13.35 -11.01 -19.21
CA ILE B 465 14.00 -9.80 -18.75
C ILE B 465 15.33 -9.56 -19.50
N ARG B 466 16.15 -10.60 -19.67
CA ARG B 466 17.41 -10.41 -20.39
C ARG B 466 17.19 -9.95 -21.81
N GLY B 467 16.23 -10.59 -22.49
CA GLY B 467 15.93 -10.19 -23.85
C GLY B 467 15.35 -8.79 -23.95
N TRP B 468 14.47 -8.46 -23.02
CA TRP B 468 13.90 -7.11 -22.92
C TRP B 468 14.98 -6.04 -22.71
N TRP B 469 15.90 -6.33 -21.80
CA TRP B 469 17.00 -5.40 -21.51
C TRP B 469 17.82 -5.13 -22.77
N ASP B 470 18.07 -6.20 -23.51
CA ASP B 470 18.83 -6.11 -24.74
C ASP B 470 18.32 -5.13 -25.76
N THR B 471 17.01 -4.99 -25.84
CA THR B 471 16.44 -4.13 -26.86
C THR B 471 15.88 -2.84 -26.31
N LEU B 472 16.12 -2.60 -25.03
CA LEU B 472 15.51 -1.50 -24.37
C LEU B 472 16.08 -0.17 -24.83
N ASP B 473 15.15 0.77 -24.99
CA ASP B 473 15.42 2.17 -25.33
C ASP B 473 16.37 2.83 -24.33
N GLN B 474 17.34 3.61 -24.81
CA GLN B 474 18.37 4.19 -23.92
C GLN B 474 17.79 5.05 -22.78
N GLU B 475 16.76 5.82 -23.08
CA GLU B 475 16.09 6.66 -22.09
C GLU B 475 15.39 5.80 -21.02
N GLU B 476 14.75 4.71 -21.43
CA GLU B 476 14.16 3.77 -20.46
C GLU B 476 15.26 3.08 -19.67
N LYS B 477 16.37 2.70 -20.32
CA LYS B 477 17.50 2.03 -19.63
C LYS B 477 18.08 2.88 -18.49
N SER B 478 18.44 4.13 -18.82
CA SER B 478 19.01 5.04 -17.83
C SER B 478 18.04 5.21 -16.67
N LYS B 479 16.75 5.28 -16.95
CA LYS B 479 15.72 5.36 -15.92
C LYS B 479 15.69 4.11 -15.02
N ALA B 480 15.69 2.95 -15.66
CA ALA B 480 15.69 1.70 -14.94
C ALA B 480 16.90 1.58 -14.02
N MET B 481 18.04 2.07 -14.49
CA MET B 481 19.27 2.03 -13.68
C MET B 481 19.17 2.85 -12.38
N LYS B 482 18.33 3.88 -12.39
CA LYS B 482 18.04 4.68 -11.18
C LYS B 482 17.08 4.03 -10.19
N TYR B 483 16.09 3.30 -10.70
CA TYR B 483 15.13 2.66 -9.86
C TYR B 483 15.58 1.30 -9.34
N LEU B 484 16.23 0.52 -10.19
CA LEU B 484 16.60 -0.85 -9.86
C LEU B 484 18.00 -0.88 -9.29
N SER B 485 18.30 -1.91 -8.54
CA SER B 485 19.65 -2.21 -8.09
C SER B 485 20.29 -3.19 -9.09
N ILE B 486 21.15 -2.70 -9.97
CA ILE B 486 21.71 -3.52 -11.03
C ILE B 486 23.17 -3.74 -10.84
N ALA B 487 23.60 -4.99 -10.95
CA ALA B 487 25.00 -5.29 -10.95
C ALA B 487 25.41 -5.56 -12.41
N GLY B 488 25.79 -6.79 -12.75
CA GLY B 488 26.19 -7.09 -14.13
C GLY B 488 24.95 -7.28 -14.98
N GLU B 489 25.06 -6.95 -16.28
CA GLU B 489 23.97 -7.24 -17.24
CA GLU B 489 23.99 -7.23 -17.27
C GLU B 489 23.62 -8.70 -17.28
N ASP B 490 24.60 -9.58 -17.06
CA ASP B 490 24.31 -11.02 -17.02
C ASP B 490 23.20 -11.30 -16.00
N ASP B 491 23.08 -10.46 -14.97
CA ASP B 491 22.15 -10.72 -13.87
C ASP B 491 20.99 -9.78 -13.74
N ILE B 492 20.68 -9.11 -14.84
CA ILE B 492 19.56 -8.21 -14.89
C ILE B 492 18.24 -8.87 -14.51
N SER B 493 18.03 -10.15 -14.82
CA SER B 493 16.77 -10.75 -14.43
C SER B 493 16.60 -10.73 -12.90
N TRP B 494 17.69 -10.98 -12.15
CA TRP B 494 17.64 -10.93 -10.69
C TRP B 494 17.42 -9.53 -10.11
N SER B 495 17.86 -8.47 -10.82
CA SER B 495 17.53 -7.10 -10.40
C SER B 495 16.04 -6.85 -10.46
N VAL B 496 15.42 -7.33 -11.51
CA VAL B 496 13.99 -7.12 -11.68
C VAL B 496 13.21 -8.02 -10.73
N ILE B 497 13.66 -9.27 -10.56
CA ILE B 497 13.04 -10.16 -9.59
C ILE B 497 13.04 -9.51 -8.18
N GLN B 498 14.19 -8.97 -7.78
CA GLN B 498 14.31 -8.29 -6.48
C GLN B 498 13.32 -7.13 -6.36
N ALA B 499 13.18 -6.34 -7.41
CA ALA B 499 12.21 -5.24 -7.38
C ALA B 499 10.77 -5.75 -7.25
N ALA B 500 10.45 -6.83 -7.95
CA ALA B 500 9.14 -7.44 -7.76
C ALA B 500 8.93 -7.87 -6.33
N PHE B 501 9.91 -8.54 -5.75
CA PHE B 501 9.72 -9.10 -4.41
C PHE B 501 9.67 -8.01 -3.34
N SER B 502 10.39 -6.90 -3.59
CA SER B 502 10.40 -5.74 -2.64
C SER B 502 9.10 -4.92 -2.63
N SER B 503 8.25 -5.15 -3.63
CA SER B 503 6.97 -4.49 -3.74
C SER B 503 6.03 -4.73 -2.55
N THR B 504 5.15 -3.77 -2.30
CA THR B 504 3.99 -3.94 -1.41
C THR B 504 2.90 -4.88 -1.96
N ALA B 505 2.95 -5.19 -3.26
CA ALA B 505 1.95 -6.07 -3.87
C ALA B 505 2.00 -7.40 -3.15
N GLN B 506 0.82 -7.91 -2.84
CA GLN B 506 0.71 -9.09 -2.02
C GLN B 506 1.33 -10.32 -2.70
N THR B 507 1.29 -10.37 -4.02
CA THR B 507 1.74 -11.53 -4.76
C THR B 507 2.71 -11.07 -5.85
N ALA B 508 3.86 -11.75 -5.94
CA ALA B 508 4.85 -11.53 -6.96
C ALA B 508 5.08 -12.80 -7.75
N ILE B 509 4.94 -12.75 -9.08
CA ILE B 509 5.08 -13.92 -9.97
C ILE B 509 6.18 -13.69 -10.99
N ILE B 510 7.09 -14.66 -11.06
CA ILE B 510 8.23 -14.62 -11.97
C ILE B 510 8.18 -15.79 -12.98
N PRO B 511 8.31 -15.50 -14.29
CA PRO B 511 8.48 -16.60 -15.28
C PRO B 511 9.72 -17.44 -14.99
N MET B 512 9.60 -18.76 -15.16
CA MET B 512 10.74 -19.65 -14.96
C MET B 512 11.95 -19.21 -15.81
N GLN B 513 11.71 -18.67 -17.02
CA GLN B 513 12.79 -18.24 -17.89
C GLN B 513 13.70 -17.19 -17.22
N ASP B 514 13.12 -16.34 -16.39
CA ASP B 514 13.87 -15.27 -15.68
C ASP B 514 14.66 -15.83 -14.51
N ILE B 515 14.10 -16.81 -13.80
CA ILE B 515 14.87 -17.50 -12.78
C ILE B 515 16.09 -18.19 -13.38
N LEU B 516 15.94 -18.72 -14.58
CA LEU B 516 17.04 -19.37 -15.27
C LEU B 516 17.94 -18.39 -16.02
N GLY B 517 17.61 -17.11 -16.02
CA GLY B 517 18.43 -16.06 -16.62
C GLY B 517 18.56 -16.22 -18.12
N LEU B 518 17.49 -16.64 -18.78
CA LEU B 518 17.57 -16.93 -20.20
C LEU B 518 17.27 -15.71 -21.07
N GLY B 519 17.76 -15.74 -22.31
CA GLY B 519 17.61 -14.65 -23.29
C GLY B 519 16.36 -14.81 -24.16
N SER B 520 16.30 -14.02 -25.24
CA SER B 520 15.14 -13.95 -26.11
C SER B 520 14.74 -15.27 -26.77
N SER B 521 15.67 -16.22 -26.96
CA SER B 521 15.27 -17.55 -27.51
C SER B 521 14.27 -18.30 -26.64
N ALA B 522 14.18 -17.93 -25.37
CA ALA B 522 13.31 -18.62 -24.42
C ALA B 522 11.94 -17.92 -24.24
N ARG B 523 11.69 -16.85 -24.99
CA ARG B 523 10.44 -16.11 -24.90
C ARG B 523 9.34 -17.07 -25.26
N MET B 524 8.24 -17.06 -24.53
CA MET B 524 7.18 -18.06 -24.76
C MET B 524 6.34 -17.69 -25.99
N ASN B 525 6.01 -16.40 -26.12
CA ASN B 525 5.17 -15.95 -27.23
C ASN B 525 5.50 -14.52 -27.65
N THR B 526 5.38 -14.26 -28.95
CA THR B 526 5.48 -12.91 -29.51
C THR B 526 4.12 -12.59 -30.10
N PRO B 527 3.37 -11.68 -29.49
CA PRO B 527 2.03 -11.41 -29.96
C PRO B 527 1.99 -11.03 -31.43
N ALA B 528 0.93 -11.49 -32.10
CA ALA B 528 0.67 -11.22 -33.49
C ALA B 528 1.55 -11.99 -34.43
N THR B 529 2.35 -12.94 -33.94
CA THR B 529 3.04 -13.87 -34.83
C THR B 529 2.33 -15.22 -34.78
N GLU B 530 2.42 -15.96 -35.86
CA GLU B 530 1.61 -17.17 -36.00
C GLU B 530 2.46 -18.43 -36.09
N VAL B 531 3.76 -18.30 -35.91
CA VAL B 531 4.68 -19.44 -36.04
C VAL B 531 5.73 -19.25 -34.95
N GLY B 532 6.22 -20.36 -34.40
CA GLY B 532 7.35 -20.35 -33.46
C GLY B 532 7.07 -19.97 -32.02
N ASN B 533 5.81 -20.07 -31.60
CA ASN B 533 5.44 -19.73 -30.24
C ASN B 533 5.03 -20.98 -29.44
N TRP B 534 5.03 -20.83 -28.12
CA TRP B 534 4.52 -21.80 -27.15
C TRP B 534 5.40 -23.04 -26.99
N GLY B 535 6.58 -23.04 -27.58
CA GLY B 535 7.44 -24.22 -27.65
C GLY B 535 8.51 -24.35 -26.57
N TRP B 536 8.74 -23.30 -25.78
CA TRP B 536 9.87 -23.31 -24.84
C TRP B 536 9.77 -24.48 -23.84
N ARG B 537 10.90 -25.16 -23.65
CA ARG B 537 11.01 -26.14 -22.63
C ARG B 537 12.25 -25.83 -21.81
N ILE B 538 12.19 -26.20 -20.55
CA ILE B 538 13.33 -26.17 -19.67
C ILE B 538 14.45 -26.97 -20.32
N PRO B 539 15.67 -26.38 -20.44
CA PRO B 539 16.75 -27.11 -21.12
C PRO B 539 17.03 -28.48 -20.50
N SER B 540 17.33 -29.43 -21.38
CA SER B 540 17.38 -30.86 -21.07
C SER B 540 18.35 -31.18 -19.93
N SER B 541 19.38 -30.36 -19.79
CA SER B 541 20.45 -30.47 -18.81
C SER B 541 20.13 -29.84 -17.45
N THR B 542 19.10 -28.99 -17.38
CA THR B 542 18.72 -28.30 -16.17
C THR B 542 17.68 -29.16 -15.44
N SER B 543 18.08 -29.83 -14.39
CA SER B 543 17.14 -30.57 -13.58
C SER B 543 16.82 -29.73 -12.35
N PHE B 544 15.71 -30.06 -11.68
CA PHE B 544 15.34 -29.34 -10.46
C PHE B 544 16.37 -29.57 -9.36
N ASP B 545 17.12 -30.66 -9.47
CA ASP B 545 18.27 -30.93 -8.57
C ASP B 545 19.49 -30.07 -8.83
N ASN B 546 19.52 -29.44 -10.00
CA ASN B 546 20.64 -28.67 -10.45
C ASN B 546 20.40 -27.21 -10.21
N LEU B 547 19.38 -26.86 -9.39
CA LEU B 547 18.95 -25.47 -9.22
C LEU B 547 18.91 -25.07 -7.74
N GLU B 548 19.80 -25.67 -6.99
CA GLU B 548 19.91 -25.38 -5.57
C GLU B 548 20.33 -23.90 -5.37
N THR B 549 21.32 -23.44 -6.14
CA THR B 549 21.76 -22.05 -6.05
C THR B 549 20.65 -21.05 -6.30
N GLU B 550 19.86 -21.32 -7.32
CA GLU B 550 18.77 -20.44 -7.67
C GLU B 550 17.73 -20.48 -6.59
N SER B 551 17.48 -21.66 -6.04
CA SER B 551 16.51 -21.81 -4.96
C SER B 551 16.96 -20.99 -3.73
N ASP B 552 18.24 -21.10 -3.39
CA ASP B 552 18.81 -20.35 -2.26
C ASP B 552 18.71 -18.85 -2.47
N ARG B 553 19.01 -18.39 -3.67
CA ARG B 553 18.93 -16.98 -3.98
C ARG B 553 17.49 -16.45 -3.90
N LEU B 554 16.53 -17.21 -4.42
CA LEU B 554 15.12 -16.87 -4.27
C LEU B 554 14.66 -16.84 -2.83
N ARG B 555 15.00 -17.89 -2.08
CA ARG B 555 14.60 -18.02 -0.70
C ARG B 555 15.14 -16.84 0.13
N ASP B 556 16.39 -16.43 -0.15
CA ASP B 556 17.01 -15.31 0.56
C ASP B 556 16.21 -14.03 0.33
N LEU B 557 15.79 -13.81 -0.90
CA LEU B 557 15.00 -12.60 -1.26
C LEU B 557 13.58 -12.66 -0.66
N LEU B 558 12.95 -13.83 -0.74
CA LEU B 558 11.66 -14.00 -0.07
C LEU B 558 11.73 -13.76 1.43
N SER B 559 12.83 -14.20 2.05
CA SER B 559 13.03 -13.98 3.47
C SER B 559 13.14 -12.46 3.76
N LEU B 560 14.00 -11.79 3.00
CA LEU B 560 14.24 -10.36 3.18
C LEU B 560 12.97 -9.54 3.03
N TYR B 561 12.14 -9.91 2.05
CA TYR B 561 10.93 -9.13 1.78
C TYR B 561 9.62 -9.72 2.34
N GLY B 562 9.74 -10.62 3.30
CA GLY B 562 8.60 -11.09 4.09
C GLY B 562 7.57 -11.88 3.27
N ARG B 563 8.03 -12.63 2.28
CA ARG B 563 7.17 -13.46 1.42
C ARG B 563 7.24 -14.96 1.71
N LEU B 564 7.95 -15.34 2.77
CA LEU B 564 8.00 -16.73 3.20
C LEU B 564 6.88 -17.04 4.20
#